data_2BED
#
_entry.id   2BED
#
_cell.length_a   174.020
_cell.length_b   174.020
_cell.length_c   69.730
_cell.angle_alpha   90.00
_cell.angle_beta   90.00
_cell.angle_gamma   120.00
#
_symmetry.space_group_name_H-M   'P 61'
#
loop_
_entity.id
_entity.type
_entity.pdbx_description
1 polymer 'Protein farnesyltransferase/geranylgeranyltransferase type I alpha subunit'
2 polymer 'Protein farnesyltransferase beta subunit'
3 non-polymer 'ZINC ION'
4 non-polymer 'FARNESYL DIPHOSPHATE'
5 non-polymer (11S)-8-CHLORO-11-[1-(METHYLSULFONYL)PIPERIDIN-4-YL]-6-PIPERAZIN-1-YL-11H-BENZO[5,6]CYCLOHEPTA[1,2-B]PYRIDINE
6 water water
#
loop_
_entity_poly.entity_id
_entity_poly.type
_entity_poly.pdbx_seq_one_letter_code
_entity_poly.pdbx_strand_id
1 'polypeptide(L)'
;GFLSLDSPTYVLYRDRAEWADIDPVPQNDGPSPVVQIIYSEKFRDVYDYFRAVLQRDERSERAFKLTRDAIELNAANYTV
WHFRRVLLRSLQKDLQEEMNYITAIIEEQPKNYQVWHHRRVLVEWLKDPSQELEFIADILNQDAKNYHAWQHRQWVIQEF
RLWDNELQYVDQLLKEDVRNNSVWNQRHFVISNTTGYSDRAVLEREVQYTLEMIKLVPHNESAWNYLKGILQDRGLSRYP
NLLNQLLDLQPSHSSPYLIAFLVDIYEDMLENQCDNKEDILNKALELCEILAKEKDTIRKEYWRYIGRSLQSK
;
A
2 'polypeptide(L)'
;LYSLRPEHARERLQDDSVETVTSIEQAKVEEKIQEVFSSYKFNHLVPRLVLQREKHFHYLKRGLRQLTDAYECLDASRPW
LCYWILHSLELLDEPIPQIVATDVCQFLELCQSPDGGFGGGPGQYPHLAPTYAAVNALCIIGTEEAYNVINREKLLQYLY
SLKQPDGSFLMHVGGEVDVRSAYCAASVASLTNIITPDLFEGTAEWIARCQNWEGGIGGVPGMEAHGGYTFCGLAALVIL
KKERSLNLKSLLQWVTSRQMRFEGGFQGRCNKLVDGCYSFWQAGLLPLLHRALHAQGDPALSMSHWMFHQQALQEYILMC
CQCPAGGLLDKPGKSRDFYHTCYCLSGLSIAQHFGSGAMLHDVVMGVPENVLQPTHPVYNIGPDKVIQATTHFLQKPVPG
F
;
B
#
loop_
_chem_comp.id
_chem_comp.type
_chem_comp.name
_chem_comp.formula
736 non-polymer (11S)-8-CHLORO-11-[1-(METHYLSULFONYL)PIPERIDIN-4-YL]-6-PIPERAZIN-1-YL-11H-BENZO[5,6]CYCLOHEPTA[1,2-B]PYRIDINE 'C24 H29 Cl N4 O2 S'
FPP non-polymer 'FARNESYL DIPHOSPHATE' 'C15 H28 O7 P2'
ZN non-polymer 'ZINC ION' 'Zn 2'
#
# COMPACT_ATOMS: atom_id res chain seq x y z
N GLY A 1 4.66 33.91 -20.89
CA GLY A 1 6.03 34.25 -20.41
C GLY A 1 6.27 33.81 -18.98
N PHE A 2 6.97 32.70 -18.81
CA PHE A 2 7.27 32.17 -17.49
C PHE A 2 8.74 32.44 -17.14
N LEU A 3 8.99 32.71 -15.85
CA LEU A 3 10.34 32.92 -15.35
C LEU A 3 10.56 31.72 -14.42
N SER A 4 11.42 30.82 -14.87
CA SER A 4 11.76 29.59 -14.17
C SER A 4 12.24 29.71 -12.73
N LEU A 5 11.69 28.85 -11.87
CA LEU A 5 12.08 28.84 -10.47
C LEU A 5 13.56 28.52 -10.41
N ASP A 6 14.08 27.91 -11.47
CA ASP A 6 15.50 27.54 -11.54
C ASP A 6 16.35 28.59 -12.27
N SER A 7 15.67 29.55 -12.89
CA SER A 7 16.35 30.63 -13.60
C SER A 7 17.25 31.41 -12.65
N PRO A 8 18.44 31.78 -13.11
CA PRO A 8 19.35 32.52 -12.25
C PRO A 8 18.84 33.94 -11.98
N THR A 9 17.88 34.38 -12.79
CA THR A 9 17.29 35.70 -12.66
C THR A 9 15.88 35.66 -12.07
N TYR A 10 15.62 34.65 -11.26
CA TYR A 10 14.31 34.46 -10.63
C TYR A 10 14.13 35.45 -9.50
N VAL A 11 12.97 36.12 -9.46
CA VAL A 11 12.70 37.06 -8.39
C VAL A 11 11.43 36.68 -7.63
N LEU A 12 11.51 36.67 -6.31
CA LEU A 12 10.37 36.35 -5.46
C LEU A 12 9.20 37.24 -5.84
N TYR A 13 7.98 36.70 -5.77
CA TYR A 13 6.80 37.49 -6.10
C TYR A 13 6.65 38.81 -5.36
N ARG A 14 7.25 38.92 -4.17
CA ARG A 14 7.10 40.17 -3.42
C ARG A 14 7.97 41.26 -4.03
N ASP A 15 8.76 40.89 -5.02
CA ASP A 15 9.63 41.85 -5.68
C ASP A 15 9.21 42.03 -7.14
N ARG A 16 8.00 41.61 -7.46
CA ARG A 16 7.51 41.72 -8.83
C ARG A 16 6.46 42.82 -8.95
N ALA A 17 6.51 43.55 -10.06
CA ALA A 17 5.58 44.66 -10.31
C ALA A 17 4.16 44.22 -10.64
N GLU A 18 4.04 43.18 -11.46
CA GLU A 18 2.72 42.67 -11.86
C GLU A 18 1.95 42.06 -10.71
N TRP A 19 2.60 41.95 -9.55
CA TRP A 19 1.97 41.41 -8.34
C TRP A 19 2.02 42.33 -7.10
N ALA A 20 2.10 43.63 -7.32
CA ALA A 20 2.15 44.55 -6.18
C ALA A 20 0.76 44.86 -5.67
N ASP A 21 -0.22 44.79 -6.56
CA ASP A 21 -1.60 45.10 -6.20
C ASP A 21 -2.10 44.11 -5.15
N ILE A 22 -1.43 42.96 -5.05
CA ILE A 22 -1.84 41.94 -4.11
C ILE A 22 -0.96 41.64 -2.91
N ASP A 23 -1.62 41.55 -1.75
CA ASP A 23 -0.95 41.21 -0.50
C ASP A 23 -0.95 39.69 -0.38
N PRO A 24 0.23 39.10 -0.16
CA PRO A 24 0.32 37.65 -0.02
C PRO A 24 -0.33 37.23 1.29
N VAL A 25 -0.74 35.98 1.38
CA VAL A 25 -1.39 35.50 2.60
C VAL A 25 -0.56 34.43 3.28
N PRO A 26 0.03 34.75 4.42
CA PRO A 26 0.84 33.76 5.12
C PRO A 26 -0.04 32.66 5.71
N GLN A 27 0.46 31.44 5.62
CA GLN A 27 -0.26 30.30 6.16
C GLN A 27 -0.45 30.44 7.67
N ASN A 28 -1.63 30.01 8.13
CA ASN A 28 -1.97 30.07 9.54
C ASN A 28 -1.91 28.74 10.27
N ASP A 29 -0.75 28.47 10.87
CA ASP A 29 -0.54 27.22 11.62
C ASP A 29 -0.94 27.36 13.08
N GLY A 30 -1.56 28.49 13.41
CA GLY A 30 -1.98 28.71 14.79
C GLY A 30 -0.84 29.25 15.65
N PRO A 31 -1.12 29.53 16.93
CA PRO A 31 -0.14 30.05 17.89
C PRO A 31 0.86 29.02 18.40
N SER A 32 0.44 27.76 18.51
CA SER A 32 1.31 26.69 19.00
C SER A 32 1.55 25.58 17.98
N PRO A 33 2.22 25.90 16.87
CA PRO A 33 2.56 25.03 15.75
C PRO A 33 3.04 23.62 16.10
N VAL A 34 2.60 22.66 15.29
CA VAL A 34 2.96 21.23 15.43
C VAL A 34 3.35 20.77 14.02
N VAL A 35 4.26 19.78 13.93
CA VAL A 35 4.73 19.30 12.63
C VAL A 35 4.83 20.47 11.67
N GLN A 36 5.28 21.61 12.18
CA GLN A 36 5.44 22.81 11.37
C GLN A 36 6.66 22.69 10.46
N ILE A 37 6.47 23.08 9.20
CA ILE A 37 7.51 22.99 8.19
C ILE A 37 8.22 24.32 8.01
N ILE A 38 9.53 24.35 8.18
CA ILE A 38 10.27 25.59 7.97
C ILE A 38 10.58 25.65 6.48
N TYR A 39 9.70 26.33 5.76
CA TYR A 39 9.79 26.45 4.33
C TYR A 39 11.00 27.24 3.88
N SER A 40 11.40 27.01 2.64
CA SER A 40 12.49 27.77 2.08
C SER A 40 11.77 29.10 1.92
N GLU A 41 12.42 30.10 1.39
CA GLU A 41 11.72 31.36 1.25
C GLU A 41 11.14 31.55 -0.13
N LYS A 42 11.49 30.68 -1.06
CA LYS A 42 10.96 30.74 -2.44
C LYS A 42 9.60 30.09 -2.37
N PHE A 43 9.54 29.04 -1.57
CA PHE A 43 8.35 28.23 -1.37
C PHE A 43 7.30 29.00 -0.57
N ARG A 44 7.73 29.61 0.52
CA ARG A 44 6.83 30.37 1.40
C ARG A 44 6.20 31.41 0.48
N ASP A 45 7.08 32.08 -0.26
CA ASP A 45 6.72 33.15 -1.19
C ASP A 45 5.63 32.70 -2.17
N VAL A 46 5.90 31.67 -2.96
CA VAL A 46 4.93 31.18 -3.93
C VAL A 46 3.57 30.89 -3.28
N TYR A 47 3.56 30.11 -2.22
CA TYR A 47 2.29 29.85 -1.56
C TYR A 47 1.58 30.99 -0.87
N ASP A 48 2.31 31.94 -0.27
CA ASP A 48 1.61 33.07 0.34
C ASP A 48 0.78 33.74 -0.75
N TYR A 49 1.31 33.80 -1.97
CA TYR A 49 0.53 34.34 -3.07
C TYR A 49 -0.52 33.39 -3.60
N PHE A 50 -0.30 32.09 -3.46
CA PHE A 50 -1.32 31.16 -3.93
C PHE A 50 -2.54 31.33 -3.03
N ARG A 51 -2.28 31.46 -1.73
CA ARG A 51 -3.35 31.65 -0.77
C ARG A 51 -4.12 32.90 -1.13
N ALA A 52 -3.39 33.95 -1.49
CA ALA A 52 -4.04 35.20 -1.84
C ALA A 52 -4.99 34.96 -3.01
N VAL A 53 -4.43 34.51 -4.13
CA VAL A 53 -5.23 34.26 -5.32
C VAL A 53 -6.40 33.32 -5.07
N LEU A 54 -6.13 32.21 -4.39
CA LEU A 54 -7.15 31.23 -4.08
C LEU A 54 -8.22 31.85 -3.19
N GLN A 55 -7.77 32.68 -2.26
CA GLN A 55 -8.61 33.34 -1.26
C GLN A 55 -9.75 34.04 -1.98
N ARG A 56 -9.38 35.04 -2.79
CA ARG A 56 -10.31 35.83 -3.55
C ARG A 56 -10.73 35.15 -4.84
N ASP A 57 -10.43 33.87 -4.95
CA ASP A 57 -10.76 33.09 -6.13
C ASP A 57 -10.50 33.91 -7.39
N GLU A 58 -9.27 34.36 -7.54
CA GLU A 58 -8.89 35.15 -8.70
C GLU A 58 -8.61 34.23 -9.88
N ARG A 59 -9.57 34.12 -10.79
CA ARG A 59 -9.39 33.26 -11.95
C ARG A 59 -8.75 34.02 -13.10
N SER A 60 -7.46 34.33 -12.94
CA SER A 60 -6.71 35.09 -13.95
C SER A 60 -5.52 34.32 -14.49
N GLU A 61 -4.97 34.83 -15.59
CA GLU A 61 -3.82 34.26 -16.26
C GLU A 61 -2.57 34.21 -15.38
N ARG A 62 -2.41 35.18 -14.47
CA ARG A 62 -1.24 35.19 -13.62
C ARG A 62 -1.41 34.13 -12.54
N ALA A 63 -2.64 33.92 -12.12
CA ALA A 63 -2.95 32.93 -11.12
C ALA A 63 -2.60 31.58 -11.74
N PHE A 64 -2.96 31.45 -13.01
CA PHE A 64 -2.69 30.23 -13.76
C PHE A 64 -1.20 29.95 -13.73
N LYS A 65 -0.39 30.92 -14.13
CA LYS A 65 1.05 30.74 -14.11
C LYS A 65 1.60 30.53 -12.71
N LEU A 66 0.92 31.07 -11.71
CA LEU A 66 1.39 30.88 -10.35
C LEU A 66 1.19 29.42 -9.93
N THR A 67 0.07 28.81 -10.32
CA THR A 67 -0.17 27.42 -9.94
C THR A 67 0.96 26.55 -10.46
N ARG A 68 1.54 26.93 -11.61
CA ARG A 68 2.66 26.15 -12.12
C ARG A 68 3.81 26.04 -11.12
N ASP A 69 4.21 27.18 -10.55
CA ASP A 69 5.30 27.18 -9.57
C ASP A 69 4.86 26.50 -8.30
N ALA A 70 3.63 26.80 -7.86
CA ALA A 70 3.11 26.18 -6.65
C ALA A 70 3.22 24.67 -6.84
N ILE A 71 2.86 24.20 -8.04
CA ILE A 71 2.91 22.77 -8.33
C ILE A 71 4.32 22.23 -8.36
N GLU A 72 5.23 22.98 -8.98
CA GLU A 72 6.61 22.52 -9.07
C GLU A 72 7.29 22.43 -7.70
N LEU A 73 6.83 23.23 -6.74
CA LEU A 73 7.40 23.19 -5.39
C LEU A 73 6.82 22.01 -4.61
N ASN A 74 5.60 21.61 -4.96
CA ASN A 74 4.99 20.47 -4.28
C ASN A 74 3.89 19.80 -5.12
N ALA A 75 4.32 19.09 -6.15
CA ALA A 75 3.41 18.41 -7.07
C ALA A 75 2.31 17.59 -6.41
N ALA A 76 2.43 17.38 -5.10
CA ALA A 76 1.44 16.58 -4.38
C ALA A 76 0.39 17.41 -3.69
N ASN A 77 0.36 18.72 -3.96
CA ASN A 77 -0.63 19.56 -3.30
C ASN A 77 -1.88 19.51 -4.18
N TYR A 78 -2.81 18.64 -3.82
CA TYR A 78 -4.06 18.46 -4.56
C TYR A 78 -4.98 19.68 -4.63
N THR A 79 -4.84 20.62 -3.70
CA THR A 79 -5.70 21.80 -3.74
C THR A 79 -5.29 22.67 -4.90
N VAL A 80 -3.97 22.79 -5.10
CA VAL A 80 -3.44 23.58 -6.20
C VAL A 80 -3.91 22.96 -7.51
N TRP A 81 -3.70 21.65 -7.69
CA TRP A 81 -4.17 21.00 -8.91
C TRP A 81 -5.65 21.20 -9.15
N HIS A 82 -6.43 21.16 -8.09
CA HIS A 82 -7.86 21.36 -8.24
C HIS A 82 -8.06 22.76 -8.81
N PHE A 83 -7.61 23.77 -8.07
CA PHE A 83 -7.75 25.15 -8.50
C PHE A 83 -7.20 25.38 -9.91
N ARG A 84 -6.04 24.80 -10.22
CA ARG A 84 -5.47 24.95 -11.55
C ARG A 84 -6.45 24.48 -12.60
N ARG A 85 -7.00 23.31 -12.37
CA ARG A 85 -7.93 22.73 -13.29
C ARG A 85 -9.28 23.44 -13.33
N VAL A 86 -9.40 24.49 -12.53
CA VAL A 86 -10.58 25.31 -12.49
C VAL A 86 -10.28 26.45 -13.46
N LEU A 87 -9.00 26.83 -13.49
CA LEU A 87 -8.56 27.88 -14.38
C LEU A 87 -8.53 27.37 -15.82
N LEU A 88 -8.36 26.07 -16.00
CA LEU A 88 -8.37 25.56 -17.36
C LEU A 88 -9.77 25.81 -17.91
N ARG A 89 -10.79 25.60 -17.07
CA ARG A 89 -12.19 25.82 -17.44
C ARG A 89 -12.56 27.31 -17.63
N SER A 90 -12.26 28.16 -16.66
CA SER A 90 -12.59 29.58 -16.79
C SER A 90 -11.84 30.27 -17.92
N LEU A 91 -10.52 30.24 -17.86
CA LEU A 91 -9.66 30.85 -18.88
C LEU A 91 -9.70 30.10 -20.22
N GLN A 92 -10.48 29.02 -20.28
CA GLN A 92 -10.52 28.19 -21.49
C GLN A 92 -9.15 28.08 -22.13
N LYS A 93 -8.24 27.45 -21.39
CA LYS A 93 -6.87 27.25 -21.82
C LYS A 93 -6.82 26.16 -22.88
N ASP A 94 -5.86 26.24 -23.78
CA ASP A 94 -5.72 25.21 -24.80
C ASP A 94 -5.31 23.96 -24.04
N LEU A 95 -6.24 23.02 -23.92
CA LEU A 95 -5.99 21.78 -23.20
C LEU A 95 -4.97 20.85 -23.84
N GLN A 96 -4.70 21.02 -25.13
CA GLN A 96 -3.74 20.16 -25.79
C GLN A 96 -2.37 20.62 -25.30
N GLU A 97 -2.22 21.92 -25.03
CA GLU A 97 -1.01 22.42 -24.40
C GLU A 97 -0.88 21.89 -22.98
N GLU A 98 -2.01 21.76 -22.28
CA GLU A 98 -2.00 21.29 -20.91
C GLU A 98 -1.44 19.85 -20.92
N MET A 99 -1.76 19.09 -21.96
CA MET A 99 -1.24 17.73 -22.12
C MET A 99 0.27 17.75 -22.17
N ASN A 100 0.82 18.67 -22.97
CA ASN A 100 2.26 18.77 -23.11
C ASN A 100 2.87 19.00 -21.73
N TYR A 101 2.20 19.84 -20.95
CA TYR A 101 2.63 20.15 -19.60
C TYR A 101 2.60 18.95 -18.65
N ILE A 102 1.41 18.38 -18.45
CA ILE A 102 1.26 17.25 -17.54
C ILE A 102 2.16 16.11 -18.00
N THR A 103 2.55 16.12 -19.27
CA THR A 103 3.45 15.10 -19.81
C THR A 103 4.85 15.31 -19.29
N ALA A 104 5.27 16.57 -19.22
CA ALA A 104 6.60 16.89 -18.72
C ALA A 104 6.65 16.57 -17.24
N ILE A 105 5.64 17.04 -16.51
CA ILE A 105 5.54 16.82 -15.07
C ILE A 105 5.56 15.34 -14.69
N ILE A 106 4.80 14.52 -15.42
CA ILE A 106 4.77 13.09 -15.14
C ILE A 106 6.14 12.48 -15.39
N GLU A 107 6.72 12.78 -16.55
CA GLU A 107 8.06 12.29 -16.84
C GLU A 107 9.01 12.51 -15.66
N GLU A 108 9.04 13.74 -15.15
CA GLU A 108 9.94 14.09 -14.05
C GLU A 108 9.57 13.60 -12.65
N GLN A 109 8.37 13.06 -12.48
CA GLN A 109 7.99 12.54 -11.19
C GLN A 109 6.66 11.81 -11.30
N PRO A 110 6.72 10.58 -11.85
CA PRO A 110 5.70 9.58 -12.14
C PRO A 110 5.01 8.82 -11.01
N LYS A 111 5.48 8.96 -9.76
CA LYS A 111 4.85 8.30 -8.62
C LYS A 111 4.12 9.32 -7.78
N ASN A 112 3.14 9.95 -8.39
CA ASN A 112 2.35 11.00 -7.79
C ASN A 112 0.92 10.80 -8.25
N TYR A 113 -0.01 10.67 -7.32
CA TYR A 113 -1.40 10.49 -7.70
C TYR A 113 -1.96 11.68 -8.48
N GLN A 114 -1.75 12.90 -7.99
CA GLN A 114 -2.28 14.07 -8.68
C GLN A 114 -1.94 14.15 -10.16
N VAL A 115 -0.67 14.00 -10.50
CA VAL A 115 -0.26 14.10 -11.90
C VAL A 115 -1.02 13.19 -12.84
N TRP A 116 -1.14 11.91 -12.52
CA TRP A 116 -1.90 11.03 -13.38
C TRP A 116 -3.39 11.32 -13.40
N HIS A 117 -3.96 11.64 -12.25
CA HIS A 117 -5.38 11.94 -12.22
C HIS A 117 -5.66 13.19 -13.02
N HIS A 118 -4.65 14.05 -13.14
CA HIS A 118 -4.82 15.28 -13.88
C HIS A 118 -4.82 14.93 -15.36
N ARG A 119 -3.91 14.03 -15.76
CA ARG A 119 -3.85 13.65 -17.16
C ARG A 119 -5.20 13.02 -17.48
N ARG A 120 -5.61 12.05 -16.68
CA ARG A 120 -6.90 11.39 -16.87
C ARG A 120 -8.02 12.37 -17.16
N VAL A 121 -8.07 13.47 -16.40
CA VAL A 121 -9.10 14.47 -16.60
C VAL A 121 -9.02 15.11 -17.99
N LEU A 122 -7.83 15.57 -18.37
CA LEU A 122 -7.65 16.18 -19.68
C LEU A 122 -8.19 15.22 -20.74
N VAL A 123 -7.69 13.99 -20.72
CA VAL A 123 -8.10 12.95 -21.65
C VAL A 123 -9.62 12.82 -21.72
N GLU A 124 -10.28 12.88 -20.57
CA GLU A 124 -11.72 12.78 -20.57
C GLU A 124 -12.32 14.01 -21.24
N TRP A 125 -11.91 15.21 -20.83
CA TRP A 125 -12.44 16.42 -21.47
C TRP A 125 -12.24 16.37 -22.98
N LEU A 126 -10.99 16.23 -23.41
CA LEU A 126 -10.68 16.18 -24.84
C LEU A 126 -11.28 14.94 -25.50
N LYS A 127 -11.60 13.93 -24.70
CA LYS A 127 -12.14 12.67 -25.21
C LYS A 127 -11.17 12.16 -26.26
N ASP A 128 -9.90 12.44 -26.03
CA ASP A 128 -8.87 12.03 -26.94
C ASP A 128 -7.83 11.16 -26.22
N PRO A 129 -7.72 9.90 -26.64
CA PRO A 129 -6.77 8.94 -26.06
C PRO A 129 -5.68 8.55 -27.05
N SER A 130 -5.59 9.29 -28.15
CA SER A 130 -4.62 9.00 -29.22
C SER A 130 -3.14 8.93 -28.85
N GLN A 131 -2.74 9.63 -27.81
CA GLN A 131 -1.34 9.62 -27.43
C GLN A 131 -1.06 8.99 -26.06
N GLU A 132 -2.02 8.24 -25.53
CA GLU A 132 -1.85 7.64 -24.21
C GLU A 132 -0.97 6.40 -24.17
N LEU A 133 -1.26 5.42 -25.03
CA LEU A 133 -0.47 4.19 -25.05
C LEU A 133 1.01 4.44 -25.29
N GLU A 134 1.30 5.48 -26.05
CA GLU A 134 2.69 5.81 -26.35
C GLU A 134 3.32 6.47 -25.13
N PHE A 135 2.62 7.45 -24.56
CA PHE A 135 3.12 8.11 -23.37
C PHE A 135 3.40 7.12 -22.26
N ILE A 136 2.43 6.25 -21.99
CA ILE A 136 2.54 5.25 -20.94
C ILE A 136 3.73 4.35 -21.18
N ALA A 137 3.94 3.98 -22.44
CA ALA A 137 5.04 3.10 -22.79
C ALA A 137 6.38 3.77 -22.51
N ASP A 138 6.46 5.09 -22.66
CA ASP A 138 7.71 5.79 -22.40
C ASP A 138 7.97 5.77 -20.90
N ILE A 139 6.93 5.98 -20.10
CA ILE A 139 7.07 5.95 -18.65
C ILE A 139 7.50 4.53 -18.26
N LEU A 140 6.72 3.55 -18.68
CA LEU A 140 7.00 2.14 -18.39
C LEU A 140 8.35 1.69 -18.92
N ASN A 141 8.95 2.51 -19.76
CA ASN A 141 10.25 2.17 -20.31
C ASN A 141 11.35 2.62 -19.35
N GLN A 142 10.98 3.55 -18.47
CA GLN A 142 11.89 4.09 -17.45
C GLN A 142 11.67 3.29 -16.17
N ASP A 143 10.44 2.80 -16.00
CA ASP A 143 10.06 1.99 -14.86
C ASP A 143 8.97 1.05 -15.34
N ALA A 144 9.38 -0.15 -15.72
CA ALA A 144 8.47 -1.17 -16.24
C ALA A 144 7.43 -1.64 -15.23
N LYS A 145 7.47 -1.10 -14.01
CA LYS A 145 6.52 -1.51 -13.00
C LYS A 145 5.77 -0.36 -12.33
N ASN A 146 5.89 0.84 -12.86
CA ASN A 146 5.20 1.98 -12.26
C ASN A 146 3.73 1.59 -12.15
N TYR A 147 3.23 1.54 -10.93
CA TYR A 147 1.87 1.08 -10.70
C TYR A 147 0.85 2.03 -11.31
N HIS A 148 1.12 3.32 -11.26
CA HIS A 148 0.21 4.34 -11.80
C HIS A 148 0.12 4.22 -13.32
N ALA A 149 1.26 4.00 -13.96
CA ALA A 149 1.31 3.86 -15.40
C ALA A 149 0.38 2.75 -15.86
N TRP A 150 0.52 1.57 -15.25
CA TRP A 150 -0.35 0.46 -15.62
C TRP A 150 -1.81 0.74 -15.33
N GLN A 151 -2.11 1.23 -14.13
CA GLN A 151 -3.49 1.50 -13.79
C GLN A 151 -4.09 2.48 -14.80
N HIS A 152 -3.31 3.49 -15.16
CA HIS A 152 -3.76 4.49 -16.13
C HIS A 152 -3.91 3.83 -17.50
N ARG A 153 -3.01 2.89 -17.79
CA ARG A 153 -3.02 2.22 -19.07
C ARG A 153 -4.26 1.34 -19.15
N GLN A 154 -4.58 0.57 -18.12
CA GLN A 154 -5.79 -0.24 -18.24
C GLN A 154 -6.98 0.66 -18.47
N TRP A 155 -7.09 1.70 -17.65
CA TRP A 155 -8.18 2.65 -17.79
C TRP A 155 -8.37 3.09 -19.22
N VAL A 156 -7.28 3.48 -19.88
CA VAL A 156 -7.38 3.93 -21.25
C VAL A 156 -7.87 2.82 -22.16
N ILE A 157 -7.22 1.66 -22.07
CA ILE A 157 -7.58 0.52 -22.90
C ILE A 157 -9.04 0.11 -22.79
N GLN A 158 -9.55 0.08 -21.57
CA GLN A 158 -10.93 -0.33 -21.37
C GLN A 158 -12.00 0.73 -21.67
N GLU A 159 -11.65 2.01 -21.55
CA GLU A 159 -12.56 3.10 -21.91
C GLU A 159 -12.67 3.29 -23.41
N PHE A 160 -11.56 3.66 -24.03
CA PHE A 160 -11.54 3.88 -25.45
C PHE A 160 -11.55 2.57 -26.16
N ARG A 161 -11.45 1.53 -25.36
CA ARG A 161 -11.65 0.19 -25.86
C ARG A 161 -10.63 -0.04 -26.95
N LEU A 162 -9.36 0.06 -26.57
CA LEU A 162 -8.23 -0.08 -27.50
C LEU A 162 -7.45 -1.36 -27.16
N TRP A 163 -8.06 -2.53 -27.37
CA TRP A 163 -7.42 -3.79 -27.02
C TRP A 163 -6.49 -4.39 -28.07
N ASP A 164 -6.97 -4.44 -29.31
CA ASP A 164 -6.26 -5.00 -30.47
C ASP A 164 -4.73 -5.20 -30.45
N ASN A 165 -3.97 -4.30 -29.84
CA ASN A 165 -2.53 -4.46 -29.85
C ASN A 165 -1.84 -4.59 -28.49
N GLU A 166 -2.62 -4.69 -27.42
CA GLU A 166 -2.03 -4.74 -26.08
C GLU A 166 -1.36 -6.07 -25.73
N LEU A 167 -1.96 -7.19 -26.10
CA LEU A 167 -1.35 -8.48 -25.78
C LEU A 167 -0.02 -8.63 -26.48
N GLN A 168 0.16 -7.86 -27.56
CA GLN A 168 1.40 -7.87 -28.30
C GLN A 168 2.46 -7.13 -27.50
N TYR A 169 2.00 -6.06 -26.84
CA TYR A 169 2.86 -5.24 -26.01
C TYR A 169 3.27 -6.06 -24.79
N VAL A 170 2.35 -6.89 -24.30
CA VAL A 170 2.62 -7.73 -23.15
C VAL A 170 3.72 -8.72 -23.47
N ASP A 171 3.67 -9.34 -24.64
CA ASP A 171 4.72 -10.29 -25.02
C ASP A 171 6.05 -9.57 -25.15
N GLN A 172 5.99 -8.30 -25.56
CA GLN A 172 7.20 -7.51 -25.70
C GLN A 172 7.91 -7.42 -24.35
N LEU A 173 7.18 -6.94 -23.35
CA LEU A 173 7.75 -6.76 -22.02
C LEU A 173 8.14 -8.06 -21.30
N LEU A 174 7.33 -9.10 -21.43
CA LEU A 174 7.68 -10.38 -20.80
C LEU A 174 9.00 -10.85 -21.37
N LYS A 175 9.22 -10.52 -22.64
CA LYS A 175 10.45 -10.92 -23.29
C LYS A 175 11.60 -10.08 -22.74
N GLU A 176 11.30 -8.85 -22.31
CA GLU A 176 12.34 -7.99 -21.75
C GLU A 176 12.61 -8.32 -20.28
N ASP A 177 11.65 -8.99 -19.63
CA ASP A 177 11.82 -9.38 -18.24
C ASP A 177 10.64 -10.27 -17.84
N VAL A 178 10.80 -11.57 -18.09
CA VAL A 178 9.76 -12.53 -17.78
C VAL A 178 9.30 -12.49 -16.32
N ARG A 179 10.04 -11.77 -15.48
CA ARG A 179 9.66 -11.69 -14.09
C ARG A 179 8.87 -10.42 -13.75
N ASN A 180 8.53 -9.62 -14.75
CA ASN A 180 7.78 -8.40 -14.49
C ASN A 180 6.35 -8.81 -14.19
N ASN A 181 6.04 -8.93 -12.91
CA ASN A 181 4.71 -9.38 -12.51
C ASN A 181 3.60 -8.41 -12.98
N SER A 182 3.97 -7.17 -13.26
CA SER A 182 2.97 -6.20 -13.72
C SER A 182 2.50 -6.61 -15.12
N VAL A 183 3.43 -7.15 -15.89
CA VAL A 183 3.12 -7.59 -17.24
C VAL A 183 2.22 -8.82 -17.24
N TRP A 184 2.55 -9.84 -16.43
CA TRP A 184 1.69 -11.02 -16.34
C TRP A 184 0.28 -10.62 -15.95
N ASN A 185 0.18 -9.63 -15.07
CA ASN A 185 -1.13 -9.15 -14.67
C ASN A 185 -1.79 -8.56 -15.89
N GLN A 186 -1.04 -7.72 -16.59
CA GLN A 186 -1.53 -7.03 -17.77
C GLN A 186 -1.99 -8.04 -18.80
N ARG A 187 -1.28 -9.16 -18.88
CA ARG A 187 -1.60 -10.22 -19.83
C ARG A 187 -2.95 -10.83 -19.50
N HIS A 188 -3.18 -11.07 -18.21
CA HIS A 188 -4.42 -11.67 -17.76
C HIS A 188 -5.54 -10.65 -17.94
N PHE A 189 -5.21 -9.37 -17.80
CA PHE A 189 -6.21 -8.31 -17.98
C PHE A 189 -6.70 -8.33 -19.42
N VAL A 190 -5.75 -8.31 -20.35
CA VAL A 190 -6.04 -8.32 -21.78
C VAL A 190 -6.89 -9.51 -22.23
N ILE A 191 -6.51 -10.70 -21.79
CA ILE A 191 -7.25 -11.91 -22.16
C ILE A 191 -8.60 -11.97 -21.46
N SER A 192 -8.62 -11.73 -20.16
CA SER A 192 -9.88 -11.77 -19.42
C SER A 192 -10.95 -10.93 -20.06
N ASN A 193 -10.57 -9.86 -20.75
CA ASN A 193 -11.56 -9.00 -21.38
C ASN A 193 -11.72 -9.20 -22.87
N THR A 194 -10.79 -9.93 -23.48
CA THR A 194 -10.90 -10.17 -24.91
C THR A 194 -11.55 -11.52 -25.22
N THR A 195 -10.78 -12.60 -25.13
CA THR A 195 -11.31 -13.92 -25.42
C THR A 195 -11.75 -14.69 -24.18
N GLY A 196 -11.02 -14.53 -23.10
CA GLY A 196 -11.34 -15.26 -21.88
C GLY A 196 -10.55 -16.54 -21.93
N TYR A 197 -10.61 -17.35 -20.88
CA TYR A 197 -9.85 -18.60 -20.88
C TYR A 197 -10.72 -19.83 -21.04
N SER A 198 -11.88 -19.68 -21.68
CA SER A 198 -12.76 -20.81 -21.91
C SER A 198 -12.38 -21.50 -23.20
N ASP A 199 -12.18 -20.70 -24.26
CA ASP A 199 -11.78 -21.25 -25.54
C ASP A 199 -10.55 -22.13 -25.29
N ARG A 200 -10.74 -23.44 -25.42
CA ARG A 200 -9.67 -24.39 -25.20
C ARG A 200 -8.42 -24.05 -26.00
N ALA A 201 -8.62 -23.46 -27.17
CA ALA A 201 -7.50 -23.07 -28.02
C ALA A 201 -6.61 -22.08 -27.28
N VAL A 202 -7.24 -21.19 -26.52
CA VAL A 202 -6.53 -20.17 -25.74
C VAL A 202 -5.95 -20.73 -24.45
N LEU A 203 -6.77 -21.40 -23.66
CA LEU A 203 -6.29 -22.00 -22.41
C LEU A 203 -5.05 -22.80 -22.74
N GLU A 204 -5.11 -23.56 -23.84
CA GLU A 204 -4.01 -24.39 -24.30
C GLU A 204 -2.74 -23.55 -24.47
N ARG A 205 -2.82 -22.56 -25.36
CA ARG A 205 -1.73 -21.65 -25.67
C ARG A 205 -1.07 -21.15 -24.40
N GLU A 206 -1.88 -20.51 -23.56
CA GLU A 206 -1.42 -19.93 -22.30
C GLU A 206 -0.71 -20.93 -21.41
N VAL A 207 -1.40 -22.04 -21.12
CA VAL A 207 -0.82 -23.06 -20.27
C VAL A 207 0.44 -23.63 -20.89
N GLN A 208 0.46 -23.78 -22.20
CA GLN A 208 1.62 -24.34 -22.87
C GLN A 208 2.73 -23.31 -22.67
N TYR A 209 2.41 -22.07 -23.05
CA TYR A 209 3.32 -20.94 -22.90
C TYR A 209 3.89 -20.82 -21.49
N THR A 210 2.99 -20.78 -20.51
CA THR A 210 3.41 -20.66 -19.11
C THR A 210 4.34 -21.78 -18.67
N LEU A 211 4.01 -23.01 -19.05
CA LEU A 211 4.87 -24.14 -18.66
C LEU A 211 6.25 -23.95 -19.26
N GLU A 212 6.28 -23.42 -20.49
CA GLU A 212 7.53 -23.17 -21.19
C GLU A 212 8.34 -22.12 -20.44
N MET A 213 7.67 -21.03 -20.05
CA MET A 213 8.33 -19.97 -19.32
C MET A 213 8.79 -20.49 -17.98
N ILE A 214 8.05 -21.45 -17.45
CA ILE A 214 8.43 -22.03 -16.18
C ILE A 214 9.70 -22.83 -16.38
N LYS A 215 9.72 -23.62 -17.45
CA LYS A 215 10.89 -24.43 -17.75
C LYS A 215 12.12 -23.52 -17.84
N LEU A 216 12.04 -22.42 -18.59
CA LEU A 216 13.18 -21.50 -18.64
C LEU A 216 13.61 -20.90 -17.30
N VAL A 217 12.66 -20.43 -16.50
CA VAL A 217 13.01 -19.82 -15.22
C VAL A 217 12.25 -20.45 -14.05
N PRO A 218 12.53 -21.73 -13.75
CA PRO A 218 11.94 -22.54 -12.70
C PRO A 218 11.57 -21.81 -11.42
N HIS A 219 12.42 -20.88 -11.00
CA HIS A 219 12.15 -20.13 -9.77
C HIS A 219 11.48 -18.78 -9.95
N ASN A 220 10.77 -18.60 -11.07
CA ASN A 220 10.05 -17.35 -11.35
C ASN A 220 8.65 -17.52 -10.81
N GLU A 221 8.40 -16.94 -9.65
CA GLU A 221 7.09 -17.06 -9.02
C GLU A 221 5.90 -16.51 -9.79
N SER A 222 6.12 -15.53 -10.67
CA SER A 222 5.01 -14.98 -11.43
C SER A 222 4.38 -16.00 -12.38
N ALA A 223 5.22 -16.64 -13.20
CA ALA A 223 4.72 -17.65 -14.12
C ALA A 223 3.84 -18.62 -13.33
N TRP A 224 4.34 -19.14 -12.21
CA TRP A 224 3.54 -20.04 -11.38
C TRP A 224 2.23 -19.47 -10.88
N ASN A 225 2.25 -18.28 -10.32
CA ASN A 225 1.02 -17.67 -9.83
C ASN A 225 0.04 -17.52 -10.97
N TYR A 226 0.56 -17.37 -12.18
CA TYR A 226 -0.27 -17.20 -13.36
C TYR A 226 -0.82 -18.57 -13.79
N LEU A 227 0.05 -19.57 -13.80
CA LEU A 227 -0.35 -20.93 -14.17
C LEU A 227 -1.49 -21.40 -13.27
N LYS A 228 -1.35 -21.16 -11.97
CA LYS A 228 -2.36 -21.55 -11.00
C LYS A 228 -3.57 -20.63 -11.10
N GLY A 229 -3.32 -19.39 -11.51
CA GLY A 229 -4.39 -18.41 -11.64
C GLY A 229 -5.35 -18.68 -12.78
N ILE A 230 -4.84 -19.20 -13.89
CA ILE A 230 -5.70 -19.49 -15.04
C ILE A 230 -6.39 -20.85 -14.97
N LEU A 231 -5.90 -21.72 -14.09
CA LEU A 231 -6.50 -23.04 -13.94
C LEU A 231 -7.33 -23.21 -12.67
N GLN A 232 -7.04 -22.40 -11.65
CA GLN A 232 -7.76 -22.53 -10.38
C GLN A 232 -9.25 -22.31 -10.52
N ASP A 233 -9.69 -21.74 -11.64
CA ASP A 233 -11.11 -21.55 -11.85
C ASP A 233 -11.62 -22.57 -12.87
N ARG A 234 -11.90 -23.75 -12.32
CA ARG A 234 -12.44 -24.94 -12.97
C ARG A 234 -11.90 -26.13 -12.16
N GLY A 235 -10.79 -25.89 -11.47
CA GLY A 235 -10.21 -26.92 -10.65
C GLY A 235 -9.08 -27.68 -11.30
N LEU A 236 -7.90 -27.60 -10.70
CA LEU A 236 -6.74 -28.29 -11.24
C LEU A 236 -6.96 -29.80 -11.30
N SER A 237 -7.97 -30.31 -10.62
CA SER A 237 -8.19 -31.75 -10.65
C SER A 237 -8.75 -32.22 -12.00
N ARG A 238 -9.34 -31.31 -12.78
CA ARG A 238 -9.89 -31.66 -14.09
C ARG A 238 -8.88 -31.66 -15.21
N TYR A 239 -7.60 -31.65 -14.87
CA TYR A 239 -6.56 -31.70 -15.88
C TYR A 239 -5.59 -32.76 -15.37
N PRO A 240 -5.95 -34.04 -15.59
CA PRO A 240 -5.22 -35.24 -15.21
C PRO A 240 -3.76 -35.29 -15.67
N ASN A 241 -3.48 -34.74 -16.85
CA ASN A 241 -2.11 -34.73 -17.35
C ASN A 241 -1.25 -33.76 -16.56
N LEU A 242 -1.84 -32.63 -16.17
CA LEU A 242 -1.13 -31.60 -15.42
C LEU A 242 -0.25 -32.19 -14.32
N LEU A 243 -0.85 -32.85 -13.33
CA LEU A 243 -0.07 -33.43 -12.25
C LEU A 243 1.17 -34.10 -12.84
N ASN A 244 0.97 -35.10 -13.68
CA ASN A 244 2.07 -35.81 -14.33
C ASN A 244 3.11 -34.81 -14.80
N GLN A 245 2.67 -33.98 -15.74
CA GLN A 245 3.48 -32.94 -16.37
C GLN A 245 4.46 -32.34 -15.39
N LEU A 246 3.93 -31.87 -14.28
CA LEU A 246 4.75 -31.26 -13.24
C LEU A 246 5.74 -32.20 -12.58
N LEU A 247 5.27 -33.37 -12.12
CA LEU A 247 6.17 -34.32 -11.48
C LEU A 247 7.39 -34.68 -12.32
N ASP A 248 7.27 -34.57 -13.64
CA ASP A 248 8.41 -34.85 -14.50
C ASP A 248 9.48 -33.82 -14.18
N LEU A 249 9.04 -32.60 -13.85
CA LEU A 249 9.94 -31.50 -13.53
C LEU A 249 10.65 -31.62 -12.18
N GLN A 250 10.10 -32.41 -11.26
CA GLN A 250 10.72 -32.61 -9.94
C GLN A 250 12.24 -32.58 -9.92
N PRO A 251 12.90 -33.38 -10.77
CA PRO A 251 14.36 -33.38 -10.77
C PRO A 251 15.04 -32.27 -11.57
N SER A 252 14.75 -32.18 -12.87
CA SER A 252 15.39 -31.19 -13.74
C SER A 252 14.96 -29.73 -13.62
N HIS A 253 13.77 -29.48 -13.08
CA HIS A 253 13.29 -28.11 -12.95
C HIS A 253 12.64 -27.83 -11.60
N SER A 254 13.22 -28.42 -10.55
CA SER A 254 12.66 -28.27 -9.22
C SER A 254 12.75 -26.88 -8.59
N SER A 255 11.77 -26.61 -7.73
CA SER A 255 11.65 -25.36 -6.99
C SER A 255 10.54 -25.57 -5.94
N PRO A 256 10.54 -24.77 -4.87
CA PRO A 256 9.48 -24.98 -3.87
C PRO A 256 8.13 -24.53 -4.39
N TYR A 257 8.11 -24.02 -5.61
CA TYR A 257 6.88 -23.55 -6.24
C TYR A 257 6.20 -24.80 -6.81
N LEU A 258 7.00 -25.63 -7.46
CA LEU A 258 6.50 -26.88 -8.02
C LEU A 258 5.87 -27.65 -6.87
N ILE A 259 6.65 -27.79 -5.79
CA ILE A 259 6.22 -28.49 -4.59
C ILE A 259 4.87 -27.98 -4.10
N ALA A 260 4.71 -26.67 -4.12
CA ALA A 260 3.49 -26.05 -3.64
C ALA A 260 2.35 -26.11 -4.65
N PHE A 261 2.66 -26.19 -5.93
CA PHE A 261 1.60 -26.24 -6.92
C PHE A 261 0.98 -27.63 -6.79
N LEU A 262 1.82 -28.63 -6.53
CA LEU A 262 1.36 -30.00 -6.36
C LEU A 262 0.39 -30.07 -5.20
N VAL A 263 0.74 -29.44 -4.09
CA VAL A 263 -0.14 -29.46 -2.94
C VAL A 263 -1.50 -28.90 -3.36
N ASP A 264 -1.50 -27.87 -4.20
CA ASP A 264 -2.76 -27.29 -4.69
C ASP A 264 -3.54 -28.31 -5.50
N ILE A 265 -2.85 -29.09 -6.31
CA ILE A 265 -3.52 -30.11 -7.11
C ILE A 265 -4.14 -31.13 -6.16
N TYR A 266 -3.33 -31.68 -5.28
CA TYR A 266 -3.84 -32.66 -4.32
C TYR A 266 -5.00 -32.04 -3.55
N GLU A 267 -4.82 -30.80 -3.10
CA GLU A 267 -5.90 -30.13 -2.37
C GLU A 267 -7.21 -30.20 -3.15
N ASP A 268 -7.16 -29.83 -4.42
CA ASP A 268 -8.35 -29.82 -5.25
C ASP A 268 -8.89 -31.22 -5.53
N MET A 269 -8.04 -32.24 -5.52
CA MET A 269 -8.58 -33.56 -5.81
C MET A 269 -9.39 -34.13 -4.67
N LEU A 270 -8.97 -33.91 -3.44
CA LEU A 270 -9.76 -34.44 -2.35
C LEU A 270 -11.10 -33.70 -2.40
N GLU A 271 -11.04 -32.41 -2.72
CA GLU A 271 -12.25 -31.59 -2.80
C GLU A 271 -13.23 -32.13 -3.85
N ASN A 272 -12.70 -32.72 -4.91
CA ASN A 272 -13.56 -33.26 -5.99
C ASN A 272 -13.58 -34.78 -6.02
N GLN A 273 -13.71 -35.36 -4.84
CA GLN A 273 -13.79 -36.79 -4.64
C GLN A 273 -12.84 -37.57 -5.55
N CYS A 274 -11.53 -37.37 -5.47
CA CYS A 274 -10.69 -38.17 -6.35
C CYS A 274 -10.68 -39.59 -5.78
N ASP A 275 -9.83 -40.45 -6.33
CA ASP A 275 -9.76 -41.83 -5.85
C ASP A 275 -8.32 -42.04 -5.42
N ASN A 276 -8.14 -42.63 -4.23
CA ASN A 276 -6.85 -42.85 -3.57
C ASN A 276 -6.78 -41.67 -2.63
N LYS A 277 -7.91 -41.38 -2.01
CA LYS A 277 -8.03 -40.25 -1.12
C LYS A 277 -7.15 -40.47 0.11
N GLU A 278 -6.82 -41.72 0.37
CA GLU A 278 -5.93 -42.10 1.48
C GLU A 278 -4.51 -41.76 1.03
N ASP A 279 -4.14 -42.36 -0.09
CA ASP A 279 -2.84 -42.19 -0.72
C ASP A 279 -2.49 -40.72 -0.92
N ILE A 280 -3.17 -40.09 -1.88
CA ILE A 280 -2.93 -38.68 -2.22
C ILE A 280 -2.70 -37.77 -1.03
N LEU A 281 -3.52 -37.91 0.01
CA LEU A 281 -3.39 -37.07 1.19
C LEU A 281 -2.00 -37.08 1.86
N ASN A 282 -1.55 -38.26 2.26
CA ASN A 282 -0.25 -38.40 2.91
C ASN A 282 0.82 -37.73 2.06
N LYS A 283 0.68 -37.91 0.75
CA LYS A 283 1.59 -37.34 -0.23
C LYS A 283 1.56 -35.84 -0.15
N ALA A 284 0.36 -35.33 0.11
CA ALA A 284 0.12 -33.90 0.23
C ALA A 284 0.63 -33.45 1.60
N LEU A 285 0.37 -34.26 2.63
CA LEU A 285 0.82 -33.89 3.97
C LEU A 285 2.34 -33.98 4.07
N GLU A 286 2.95 -34.84 3.26
CA GLU A 286 4.38 -35.01 3.26
C GLU A 286 5.02 -33.71 2.79
N LEU A 287 4.60 -33.28 1.59
CA LEU A 287 5.06 -32.05 0.96
C LEU A 287 4.88 -30.85 1.88
N CYS A 288 3.69 -30.72 2.47
CA CYS A 288 3.45 -29.60 3.38
C CYS A 288 4.44 -29.60 4.53
N GLU A 289 4.86 -30.78 4.94
CA GLU A 289 5.80 -30.88 6.04
C GLU A 289 7.19 -30.52 5.52
N ILE A 290 7.52 -31.00 4.32
CA ILE A 290 8.81 -30.69 3.71
C ILE A 290 8.95 -29.18 3.55
N LEU A 291 7.92 -28.56 2.99
CA LEU A 291 7.90 -27.12 2.79
C LEU A 291 8.08 -26.39 4.11
N ALA A 292 7.44 -26.92 5.16
CA ALA A 292 7.50 -26.32 6.49
C ALA A 292 8.85 -26.49 7.18
N LYS A 293 9.45 -27.68 7.05
CA LYS A 293 10.74 -27.96 7.67
C LYS A 293 11.98 -27.61 6.87
N GLU A 294 11.93 -27.78 5.56
CA GLU A 294 13.09 -27.51 4.73
C GLU A 294 12.97 -26.50 3.58
N LYS A 295 12.26 -26.90 2.54
CA LYS A 295 12.09 -26.11 1.32
C LYS A 295 11.58 -24.68 1.41
N ASP A 296 10.60 -24.41 2.28
CA ASP A 296 10.08 -23.05 2.37
C ASP A 296 9.67 -22.68 3.79
N THR A 297 10.66 -22.59 4.67
CA THR A 297 10.46 -22.31 6.08
C THR A 297 9.92 -20.94 6.53
N ILE A 298 10.27 -19.88 5.79
CA ILE A 298 9.82 -18.52 6.12
C ILE A 298 8.31 -18.50 6.42
N ARG A 299 7.64 -19.53 5.91
CA ARG A 299 6.21 -19.73 6.06
C ARG A 299 5.78 -21.14 6.43
N LYS A 300 6.36 -21.55 7.55
CA LYS A 300 6.12 -22.82 8.19
C LYS A 300 4.72 -22.75 8.80
N GLU A 301 4.34 -21.58 9.32
CA GLU A 301 3.00 -21.40 9.89
C GLU A 301 1.94 -21.67 8.84
N TYR A 302 2.19 -21.22 7.62
CA TYR A 302 1.24 -21.45 6.54
C TYR A 302 1.20 -22.92 6.16
N TRP A 303 2.36 -23.46 5.73
CA TRP A 303 2.43 -24.87 5.33
C TRP A 303 2.07 -25.91 6.41
N ARG A 304 2.00 -25.45 7.64
CA ARG A 304 1.63 -26.26 8.80
C ARG A 304 0.15 -26.06 9.06
N TYR A 305 -0.42 -25.01 8.48
CA TYR A 305 -1.84 -24.73 8.56
C TYR A 305 -2.51 -25.61 7.51
N ILE A 306 -1.78 -25.86 6.44
CA ILE A 306 -2.25 -26.66 5.33
C ILE A 306 -2.40 -28.15 5.66
N GLY A 307 -1.43 -28.74 6.35
CA GLY A 307 -1.57 -30.15 6.70
C GLY A 307 -2.79 -30.26 7.57
N ARG A 308 -2.80 -29.36 8.54
CA ARG A 308 -3.84 -29.15 9.54
C ARG A 308 -5.24 -28.92 8.98
N SER A 309 -5.35 -28.41 7.75
CA SER A 309 -6.68 -28.21 7.15
C SER A 309 -7.00 -29.52 6.45
N LEU A 310 -6.09 -29.94 5.58
CA LEU A 310 -6.25 -31.19 4.84
C LEU A 310 -6.21 -32.34 5.83
N GLN A 311 -6.11 -32.03 7.11
CA GLN A 311 -6.05 -33.07 8.11
C GLN A 311 -7.48 -33.33 8.54
N SER A 312 -8.37 -32.41 8.18
CA SER A 312 -9.78 -32.56 8.53
C SER A 312 -10.79 -32.66 7.37
N LYS A 313 -10.30 -33.10 6.22
CA LYS A 313 -11.07 -33.36 4.99
C LYS A 313 -10.20 -33.97 3.88
N LEU B 1 19.32 -16.26 16.42
CA LEU B 1 18.73 -15.44 15.33
C LEU B 1 18.51 -16.25 14.04
N TYR B 2 17.24 -16.43 13.69
CA TYR B 2 16.85 -17.17 12.49
C TYR B 2 17.61 -16.74 11.23
N SER B 3 17.76 -15.44 11.04
CA SER B 3 18.45 -14.91 9.87
C SER B 3 19.96 -15.17 9.78
N LEU B 4 20.65 -15.20 10.92
CA LEU B 4 22.09 -15.45 10.93
C LEU B 4 22.42 -16.94 10.86
N ARG B 5 21.41 -17.79 11.07
CA ARG B 5 21.59 -19.23 11.06
C ARG B 5 22.16 -19.74 9.72
N PRO B 6 23.23 -20.56 9.77
CA PRO B 6 23.91 -21.15 8.62
C PRO B 6 23.08 -21.51 7.39
N GLU B 7 22.27 -22.55 7.50
CA GLU B 7 21.43 -22.98 6.39
C GLU B 7 20.56 -21.88 5.76
N HIS B 8 20.42 -20.75 6.45
CA HIS B 8 19.62 -19.64 5.93
C HIS B 8 20.17 -19.03 4.63
N ALA B 9 21.46 -19.26 4.39
CA ALA B 9 22.16 -18.80 3.20
C ALA B 9 21.45 -19.31 1.97
N ARG B 10 21.00 -20.54 2.10
CA ARG B 10 20.28 -21.36 1.13
C ARG B 10 18.99 -20.72 0.63
N GLU B 11 18.48 -19.77 1.41
CA GLU B 11 17.28 -19.03 1.07
C GLU B 11 17.76 -17.80 0.32
N ARG B 12 18.75 -17.99 -0.55
CA ARG B 12 19.31 -16.86 -1.28
C ARG B 12 18.74 -17.03 -2.70
N LEU B 13 18.54 -15.93 -3.41
CA LEU B 13 17.96 -15.99 -4.76
C LEU B 13 18.65 -16.93 -5.75
N GLN B 14 17.84 -17.63 -6.54
CA GLN B 14 18.35 -18.52 -7.58
C GLN B 14 17.75 -18.01 -8.89
N ASP B 15 18.53 -17.20 -9.60
CA ASP B 15 18.08 -16.58 -10.85
C ASP B 15 17.98 -17.56 -12.02
N ASP B 16 18.44 -18.79 -11.81
CA ASP B 16 18.41 -19.83 -12.84
C ASP B 16 19.32 -19.46 -14.01
N SER B 17 20.31 -18.61 -13.75
CA SER B 17 21.22 -18.18 -14.79
C SER B 17 20.44 -17.56 -15.93
N VAL B 18 19.39 -16.82 -15.56
CA VAL B 18 18.55 -16.13 -16.52
C VAL B 18 18.21 -14.81 -15.85
N GLU B 19 19.12 -13.86 -15.92
CA GLU B 19 18.90 -12.59 -15.24
C GLU B 19 18.14 -11.52 -16.01
N THR B 20 17.25 -10.86 -15.28
CA THR B 20 16.43 -9.78 -15.80
C THR B 20 16.58 -8.61 -14.83
N VAL B 21 16.07 -7.44 -15.19
CA VAL B 21 16.16 -6.29 -14.30
C VAL B 21 15.70 -6.70 -12.90
N THR B 22 14.70 -7.56 -12.82
CA THR B 22 14.17 -8.03 -11.55
C THR B 22 15.16 -8.81 -10.67
N SER B 23 15.67 -9.92 -11.20
CA SER B 23 16.61 -10.75 -10.47
C SER B 23 17.84 -9.94 -10.05
N ILE B 24 18.28 -9.06 -10.93
CA ILE B 24 19.43 -8.21 -10.64
C ILE B 24 19.19 -7.36 -9.40
N GLU B 25 18.14 -6.55 -9.43
CA GLU B 25 17.83 -5.67 -8.31
C GLU B 25 17.53 -6.43 -7.03
N GLN B 26 16.97 -7.63 -7.17
CA GLN B 26 16.69 -8.44 -6.00
C GLN B 26 18.03 -8.91 -5.44
N ALA B 27 18.93 -9.32 -6.33
CA ALA B 27 20.25 -9.78 -5.95
C ALA B 27 20.97 -8.70 -5.14
N LYS B 28 20.88 -7.45 -5.60
CA LYS B 28 21.53 -6.35 -4.90
C LYS B 28 21.04 -6.21 -3.47
N VAL B 29 19.73 -6.22 -3.29
CA VAL B 29 19.16 -6.09 -1.95
C VAL B 29 19.68 -7.18 -1.02
N GLU B 30 19.54 -8.44 -1.42
CA GLU B 30 19.98 -9.54 -0.57
C GLU B 30 21.44 -9.36 -0.21
N GLU B 31 22.23 -8.97 -1.20
CA GLU B 31 23.64 -8.73 -1.03
C GLU B 31 23.89 -7.78 0.15
N LYS B 32 23.24 -6.62 0.13
CA LYS B 32 23.40 -5.64 1.20
C LYS B 32 22.90 -6.16 2.54
N ILE B 33 21.74 -6.81 2.53
CA ILE B 33 21.16 -7.36 3.75
C ILE B 33 22.12 -8.36 4.38
N GLN B 34 22.69 -9.24 3.56
CA GLN B 34 23.61 -10.25 4.04
C GLN B 34 24.74 -9.56 4.82
N GLU B 35 25.34 -8.55 4.20
CA GLU B 35 26.43 -7.80 4.82
C GLU B 35 25.99 -7.36 6.21
N VAL B 36 24.69 -7.06 6.37
CA VAL B 36 24.18 -6.63 7.66
C VAL B 36 24.20 -7.80 8.61
N PHE B 37 23.67 -8.94 8.18
CA PHE B 37 23.67 -10.12 9.02
C PHE B 37 25.09 -10.53 9.41
N SER B 38 25.98 -10.59 8.42
CA SER B 38 27.37 -10.97 8.65
C SER B 38 28.16 -9.92 9.45
N SER B 39 27.57 -8.75 9.68
CA SER B 39 28.29 -7.71 10.42
C SER B 39 28.63 -8.19 11.82
N TYR B 40 27.74 -9.01 12.37
CA TYR B 40 27.93 -9.55 13.72
C TYR B 40 28.98 -10.65 13.73
N LYS B 41 28.89 -11.54 12.74
CA LYS B 41 29.83 -12.65 12.62
C LYS B 41 31.15 -12.09 12.09
N PHE B 42 31.51 -10.92 12.60
CA PHE B 42 32.72 -10.21 12.17
C PHE B 42 33.66 -10.08 13.37
N ASN B 43 34.50 -11.11 13.59
CA ASN B 43 35.47 -11.19 14.67
C ASN B 43 35.36 -10.25 15.85
N HIS B 44 34.12 -9.92 16.20
CA HIS B 44 33.83 -9.04 17.31
C HIS B 44 32.95 -9.67 18.39
N LEU B 45 31.79 -9.04 18.59
CA LEU B 45 30.84 -9.45 19.61
C LEU B 45 29.53 -10.17 19.24
N VAL B 46 28.74 -10.46 20.28
CA VAL B 46 27.46 -11.15 20.21
C VAL B 46 26.33 -10.25 19.71
N PRO B 47 25.58 -10.69 18.69
CA PRO B 47 24.49 -9.88 18.17
C PRO B 47 23.42 -9.52 19.22
N ARG B 48 23.29 -8.21 19.46
CA ARG B 48 22.35 -7.61 20.41
C ARG B 48 21.18 -6.90 19.74
N LEU B 49 20.10 -7.59 19.39
CA LEU B 49 19.01 -6.84 18.78
C LEU B 49 18.36 -5.93 19.82
N VAL B 50 18.58 -4.63 19.66
CA VAL B 50 18.02 -3.64 20.57
C VAL B 50 17.24 -2.55 19.85
N LEU B 51 16.06 -2.23 20.35
CA LEU B 51 15.28 -1.17 19.71
C LEU B 51 15.78 0.13 20.30
N GLN B 52 16.43 0.92 19.47
CA GLN B 52 17.00 2.20 19.86
C GLN B 52 15.93 3.19 20.30
N ARG B 53 15.11 2.77 21.27
CA ARG B 53 14.02 3.59 21.81
C ARG B 53 14.32 5.03 22.12
N GLU B 54 15.36 5.27 22.90
CA GLU B 54 15.71 6.61 23.33
C GLU B 54 15.89 7.50 22.09
N LYS B 55 16.62 7.01 21.09
CA LYS B 55 16.80 7.74 19.83
C LYS B 55 15.59 7.94 18.93
N HIS B 56 14.71 6.95 18.85
CA HIS B 56 13.52 7.12 18.01
C HIS B 56 12.66 8.17 18.70
N PHE B 57 12.74 8.20 20.02
CA PHE B 57 11.98 9.14 20.84
C PHE B 57 12.33 10.59 20.58
N HIS B 58 13.62 10.91 20.62
CA HIS B 58 14.08 12.27 20.41
C HIS B 58 13.76 12.67 18.98
N TYR B 59 13.90 11.73 18.07
CA TYR B 59 13.59 11.98 16.67
C TYR B 59 12.14 12.47 16.62
N LEU B 60 11.24 11.63 17.11
CA LEU B 60 9.82 11.90 17.14
C LEU B 60 9.51 13.13 18.00
N LYS B 61 10.36 13.38 18.99
CA LYS B 61 10.18 14.50 19.91
C LYS B 61 10.05 15.83 19.13
N ARG B 62 11.09 16.24 18.40
CA ARG B 62 10.97 17.46 17.57
C ARG B 62 10.06 17.37 16.37
N GLY B 63 10.16 16.27 15.62
CA GLY B 63 9.31 16.13 14.47
C GLY B 63 7.91 16.65 14.77
N LEU B 64 7.43 16.39 15.99
CA LEU B 64 6.08 16.83 16.36
C LEU B 64 5.94 18.36 16.40
N ARG B 65 7.06 19.07 16.57
CA ARG B 65 7.07 20.54 16.51
C ARG B 65 7.56 21.19 15.23
N GLN B 66 8.67 20.71 14.68
CA GLN B 66 9.14 21.30 13.44
C GLN B 66 9.87 20.35 12.51
N LEU B 67 9.85 20.71 11.23
CA LEU B 67 10.49 19.91 10.22
C LEU B 67 11.30 20.81 9.29
N THR B 68 12.44 20.31 8.84
CA THR B 68 13.29 21.06 7.93
C THR B 68 12.52 21.22 6.62
N ASP B 69 12.99 22.12 5.76
CA ASP B 69 12.31 22.33 4.49
C ASP B 69 12.39 21.05 3.67
N ALA B 70 13.04 20.03 4.22
CA ALA B 70 13.16 18.74 3.56
C ALA B 70 11.75 18.14 3.42
N TYR B 71 10.86 18.49 4.34
CA TYR B 71 9.48 18.03 4.29
C TYR B 71 8.51 18.95 3.57
N GLU B 72 8.99 19.73 2.61
CA GLU B 72 8.06 20.59 1.89
C GLU B 72 7.18 19.73 0.97
N CYS B 73 7.62 18.50 0.68
CA CYS B 73 6.84 17.63 -0.16
C CYS B 73 5.63 17.07 0.61
N LEU B 74 5.72 17.05 1.93
CA LEU B 74 4.61 16.57 2.75
C LEU B 74 3.82 17.76 3.28
N ASP B 75 3.88 18.88 2.58
CA ASP B 75 3.15 20.06 3.02
C ASP B 75 1.65 19.89 2.87
N ALA B 76 1.23 18.86 2.14
CA ALA B 76 -0.20 18.60 1.96
C ALA B 76 -0.57 17.32 2.72
N SER B 77 0.33 16.85 3.58
CA SER B 77 0.07 15.64 4.36
C SER B 77 0.46 15.83 5.82
N ARG B 78 0.09 16.97 6.39
CA ARG B 78 0.45 17.21 7.77
C ARG B 78 -0.37 16.37 8.73
N PRO B 79 -1.66 16.14 8.43
CA PRO B 79 -2.37 15.31 9.40
C PRO B 79 -1.61 14.00 9.53
N TRP B 80 -1.02 13.50 8.44
CA TRP B 80 -0.25 12.26 8.56
C TRP B 80 0.93 12.37 9.48
N LEU B 81 1.71 13.44 9.36
CA LEU B 81 2.86 13.60 10.23
C LEU B 81 2.40 13.49 11.68
N CYS B 82 1.27 14.12 12.00
CA CYS B 82 0.75 14.01 13.36
C CYS B 82 0.54 12.53 13.65
N TYR B 83 -0.37 11.90 12.89
CA TYR B 83 -0.62 10.47 13.06
C TYR B 83 0.65 9.64 13.13
N TRP B 84 1.45 9.67 12.06
CA TRP B 84 2.67 8.87 12.03
C TRP B 84 3.54 9.01 13.27
N ILE B 85 3.83 10.25 13.64
CA ILE B 85 4.68 10.51 14.79
C ILE B 85 3.98 10.25 16.11
N LEU B 86 2.78 10.79 16.22
CA LEU B 86 2.01 10.69 17.43
C LEU B 86 1.48 9.29 17.66
N HIS B 87 1.82 8.38 16.77
CA HIS B 87 1.43 6.97 16.87
C HIS B 87 2.67 6.14 17.15
N SER B 88 3.82 6.64 16.69
CA SER B 88 5.05 5.93 16.90
C SER B 88 5.39 6.03 18.39
N LEU B 89 5.11 7.19 18.98
CA LEU B 89 5.34 7.43 20.40
C LEU B 89 4.44 6.48 21.17
N GLU B 90 3.21 6.33 20.69
CA GLU B 90 2.25 5.43 21.29
C GLU B 90 2.86 4.06 21.39
N LEU B 91 3.31 3.52 20.26
CA LEU B 91 3.91 2.20 20.27
C LEU B 91 5.13 2.12 21.19
N LEU B 92 5.87 3.23 21.31
CA LEU B 92 7.05 3.25 22.17
C LEU B 92 6.62 3.44 23.60
N ASP B 93 5.31 3.61 23.77
CA ASP B 93 4.70 3.78 25.07
C ASP B 93 5.09 5.13 25.66
N GLU B 94 5.53 6.04 24.82
CA GLU B 94 5.92 7.37 25.27
C GLU B 94 4.66 8.17 25.53
N PRO B 95 4.72 9.14 26.45
CA PRO B 95 3.57 9.99 26.80
C PRO B 95 3.36 11.21 25.93
N ILE B 96 2.09 11.58 25.72
CA ILE B 96 1.74 12.73 24.90
C ILE B 96 1.26 13.92 25.73
N PRO B 97 2.20 14.73 26.24
CA PRO B 97 1.96 15.93 27.06
C PRO B 97 0.61 16.57 26.80
N GLN B 98 -0.13 16.83 27.87
CA GLN B 98 -1.45 17.44 27.76
C GLN B 98 -1.47 18.80 27.09
N ILE B 99 -0.29 19.32 26.78
CA ILE B 99 -0.17 20.63 26.13
C ILE B 99 -0.05 20.44 24.62
N VAL B 100 0.89 19.59 24.22
CA VAL B 100 1.11 19.29 22.82
C VAL B 100 -0.19 18.76 22.23
N ALA B 101 -0.92 17.99 23.04
CA ALA B 101 -2.19 17.42 22.61
C ALA B 101 -3.14 18.52 22.14
N THR B 102 -3.40 19.50 23.01
CA THR B 102 -4.29 20.59 22.67
C THR B 102 -3.81 21.28 21.39
N ASP B 103 -2.50 21.32 21.20
CA ASP B 103 -1.93 21.94 20.01
C ASP B 103 -2.36 21.11 18.80
N VAL B 104 -2.05 19.82 18.84
CA VAL B 104 -2.44 18.92 17.75
C VAL B 104 -3.91 19.16 17.44
N CYS B 105 -4.75 19.15 18.48
CA CYS B 105 -6.19 19.35 18.30
C CYS B 105 -6.49 20.66 17.59
N GLN B 106 -6.00 21.76 18.14
CA GLN B 106 -6.24 23.07 17.53
C GLN B 106 -5.76 23.09 16.09
N PHE B 107 -4.60 22.49 15.85
CA PHE B 107 -4.06 22.46 14.49
C PHE B 107 -5.03 21.75 13.56
N LEU B 108 -5.40 20.53 13.94
CA LEU B 108 -6.34 19.75 13.14
C LEU B 108 -7.65 20.50 12.93
N GLU B 109 -8.04 21.35 13.87
CA GLU B 109 -9.27 22.12 13.71
C GLU B 109 -9.08 23.08 12.53
N LEU B 110 -7.84 23.47 12.29
CA LEU B 110 -7.51 24.36 11.18
C LEU B 110 -7.51 23.59 9.88
N CYS B 111 -7.05 22.34 9.93
CA CYS B 111 -7.01 21.50 8.73
C CYS B 111 -8.39 21.00 8.34
N GLN B 112 -9.35 21.03 9.27
CA GLN B 112 -10.70 20.56 8.98
C GLN B 112 -11.51 21.58 8.15
N SER B 113 -12.25 21.05 7.19
CA SER B 113 -13.09 21.86 6.29
C SER B 113 -14.48 22.13 6.83
N PRO B 114 -15.04 23.29 6.47
CA PRO B 114 -16.38 23.65 6.93
C PRO B 114 -17.38 22.84 6.11
N ASP B 115 -16.86 21.92 5.31
CA ASP B 115 -17.66 21.06 4.47
C ASP B 115 -17.37 19.60 4.79
N GLY B 116 -16.94 19.36 6.03
CA GLY B 116 -16.64 18.01 6.48
C GLY B 116 -15.29 17.49 6.03
N GLY B 117 -14.64 16.72 6.88
CA GLY B 117 -13.33 16.16 6.53
C GLY B 117 -12.18 17.10 6.83
N PHE B 118 -10.96 16.63 6.58
CA PHE B 118 -9.76 17.41 6.82
C PHE B 118 -8.85 17.54 5.59
N GLY B 119 -8.14 18.66 5.52
CA GLY B 119 -7.23 18.90 4.40
C GLY B 119 -5.81 18.55 4.80
N GLY B 120 -4.89 18.59 3.84
CA GLY B 120 -3.51 18.25 4.12
C GLY B 120 -2.79 19.28 4.98
N GLY B 121 -3.46 20.38 5.26
CA GLY B 121 -2.89 21.44 6.08
C GLY B 121 -3.87 22.59 6.17
N PRO B 122 -3.60 23.59 7.01
CA PRO B 122 -4.51 24.73 7.14
C PRO B 122 -4.99 25.25 5.79
N GLY B 123 -6.31 25.29 5.62
CA GLY B 123 -6.88 25.83 4.39
C GLY B 123 -6.84 25.01 3.12
N GLN B 124 -6.55 23.72 3.23
CA GLN B 124 -6.54 22.88 2.04
C GLN B 124 -7.87 22.16 1.96
N TYR B 125 -8.27 21.75 0.77
CA TYR B 125 -9.52 21.04 0.57
C TYR B 125 -9.50 19.72 1.32
N PRO B 126 -10.67 19.25 1.76
CA PRO B 126 -10.73 17.99 2.48
C PRO B 126 -10.39 16.81 1.57
N HIS B 127 -9.66 15.85 2.13
CA HIS B 127 -9.21 14.70 1.37
C HIS B 127 -9.22 13.52 2.36
N LEU B 128 -9.86 12.42 1.98
CA LEU B 128 -9.93 11.23 2.84
C LEU B 128 -8.63 10.75 3.49
N ALA B 129 -7.49 10.79 2.79
CA ALA B 129 -6.24 10.35 3.40
C ALA B 129 -5.97 11.21 4.63
N PRO B 130 -5.98 12.55 4.47
CA PRO B 130 -5.74 13.45 5.60
C PRO B 130 -6.82 13.20 6.66
N THR B 131 -8.05 13.00 6.21
CA THR B 131 -9.18 12.76 7.11
C THR B 131 -8.91 11.53 7.98
N TYR B 132 -8.48 10.44 7.34
CA TYR B 132 -8.13 9.23 8.06
C TYR B 132 -7.10 9.56 9.12
N ALA B 133 -5.99 10.15 8.66
CA ALA B 133 -4.89 10.55 9.52
C ALA B 133 -5.34 11.42 10.70
N ALA B 134 -6.10 12.46 10.40
CA ALA B 134 -6.60 13.37 11.42
C ALA B 134 -7.39 12.62 12.49
N VAL B 135 -8.33 11.79 12.06
CA VAL B 135 -9.16 11.04 13.00
C VAL B 135 -8.36 10.12 13.92
N ASN B 136 -7.45 9.30 13.38
CA ASN B 136 -6.68 8.46 14.28
C ASN B 136 -5.88 9.28 15.25
N ALA B 137 -5.34 10.40 14.77
CA ALA B 137 -4.58 11.29 15.62
C ALA B 137 -5.46 11.58 16.82
N LEU B 138 -6.58 12.26 16.55
CA LEU B 138 -7.54 12.62 17.58
C LEU B 138 -7.92 11.48 18.52
N CYS B 139 -8.17 10.28 17.98
CA CYS B 139 -8.51 9.16 18.84
C CYS B 139 -7.32 8.71 19.69
N ILE B 140 -6.11 8.85 19.16
CA ILE B 140 -4.93 8.47 19.93
C ILE B 140 -4.82 9.39 21.13
N ILE B 141 -5.22 10.64 20.95
CA ILE B 141 -5.19 11.58 22.06
C ILE B 141 -6.37 11.25 22.98
N GLY B 142 -7.39 10.62 22.39
CA GLY B 142 -8.56 10.20 23.12
C GLY B 142 -9.22 11.09 24.16
N THR B 143 -9.03 12.41 24.09
CA THR B 143 -9.67 13.28 25.09
C THR B 143 -10.97 13.83 24.53
N GLU B 144 -11.94 14.14 25.39
CA GLU B 144 -13.16 14.71 24.86
C GLU B 144 -12.85 15.97 24.05
N GLU B 145 -11.72 16.62 24.34
CA GLU B 145 -11.35 17.79 23.55
C GLU B 145 -11.13 17.27 22.13
N ALA B 146 -10.22 16.32 21.99
CA ALA B 146 -9.91 15.73 20.69
C ALA B 146 -11.18 15.29 19.96
N TYR B 147 -11.97 14.44 20.62
CA TYR B 147 -13.21 13.96 20.03
C TYR B 147 -14.06 15.09 19.48
N ASN B 148 -14.25 16.12 20.29
CA ASN B 148 -15.06 17.27 19.89
C ASN B 148 -14.54 18.02 18.68
N VAL B 149 -13.28 17.80 18.32
CA VAL B 149 -12.72 18.48 17.17
C VAL B 149 -13.47 18.01 15.93
N ILE B 150 -13.72 16.71 15.88
CA ILE B 150 -14.42 16.07 14.77
C ILE B 150 -15.87 16.52 14.64
N ASN B 151 -16.24 17.00 13.46
CA ASN B 151 -17.60 17.44 13.18
C ASN B 151 -18.35 16.25 12.57
N ARG B 152 -18.81 15.33 13.41
CA ARG B 152 -19.53 14.13 12.96
C ARG B 152 -20.56 14.39 11.87
N GLU B 153 -21.54 15.25 12.14
CA GLU B 153 -22.54 15.56 11.14
C GLU B 153 -22.08 16.01 9.75
N LYS B 154 -21.03 16.83 9.63
CA LYS B 154 -20.60 17.18 8.28
C LYS B 154 -19.57 16.21 7.69
N LEU B 155 -18.96 15.39 8.54
CA LEU B 155 -18.01 14.38 8.08
C LEU B 155 -18.75 13.37 7.24
N LEU B 156 -19.96 13.04 7.68
CA LEU B 156 -20.79 12.07 6.99
C LEU B 156 -21.20 12.77 5.70
N GLN B 157 -21.68 14.00 5.82
CA GLN B 157 -22.07 14.76 4.65
C GLN B 157 -20.95 14.75 3.60
N TYR B 158 -19.71 14.73 4.07
CA TYR B 158 -18.54 14.68 3.19
C TYR B 158 -18.46 13.33 2.50
N LEU B 159 -18.53 12.25 3.29
CA LEU B 159 -18.47 10.91 2.74
C LEU B 159 -19.44 10.72 1.57
N TYR B 160 -20.67 11.24 1.68
CA TYR B 160 -21.60 11.13 0.55
C TYR B 160 -21.22 11.94 -0.67
N SER B 161 -20.61 13.11 -0.45
CA SER B 161 -20.23 13.95 -1.59
C SER B 161 -19.19 13.27 -2.46
N LEU B 162 -18.63 12.18 -1.94
CA LEU B 162 -17.58 11.42 -2.61
C LEU B 162 -18.00 10.03 -3.07
N LYS B 163 -19.05 9.48 -2.47
CA LYS B 163 -19.49 8.12 -2.76
C LYS B 163 -19.96 8.00 -4.21
N GLN B 164 -19.60 6.89 -4.86
CA GLN B 164 -19.94 6.62 -6.26
C GLN B 164 -21.01 5.55 -6.45
N PRO B 165 -21.70 5.57 -7.61
CA PRO B 165 -22.74 4.61 -7.94
C PRO B 165 -22.26 3.18 -7.86
N ASP B 166 -21.05 2.93 -8.36
CA ASP B 166 -20.49 1.58 -8.36
C ASP B 166 -20.00 1.14 -6.99
N GLY B 167 -20.20 1.98 -5.99
CA GLY B 167 -19.77 1.64 -4.65
C GLY B 167 -18.50 2.30 -4.14
N SER B 168 -17.60 2.67 -5.04
CA SER B 168 -16.35 3.29 -4.63
C SER B 168 -16.54 4.72 -4.15
N PHE B 169 -15.46 5.32 -3.66
CA PHE B 169 -15.45 6.72 -3.22
C PHE B 169 -14.30 7.46 -3.89
N LEU B 170 -14.43 8.77 -4.00
CA LEU B 170 -13.38 9.59 -4.57
C LEU B 170 -12.50 9.89 -3.35
N MET B 171 -11.22 10.18 -3.54
CA MET B 171 -10.37 10.55 -2.41
C MET B 171 -10.75 11.95 -1.97
N HIS B 172 -11.22 12.75 -2.91
CA HIS B 172 -11.66 14.12 -2.65
C HIS B 172 -12.40 14.59 -3.91
N VAL B 173 -13.09 15.73 -3.80
CA VAL B 173 -13.83 16.28 -4.93
C VAL B 173 -12.94 16.41 -6.16
N GLY B 174 -13.37 15.81 -7.28
CA GLY B 174 -12.58 15.88 -8.48
C GLY B 174 -11.26 15.15 -8.35
N GLY B 175 -11.19 14.23 -7.40
CA GLY B 175 -9.97 13.47 -7.18
C GLY B 175 -10.03 12.06 -7.75
N GLU B 176 -9.00 11.26 -7.46
CA GLU B 176 -8.96 9.91 -7.97
C GLU B 176 -9.74 8.87 -7.15
N VAL B 177 -9.80 7.64 -7.65
CA VAL B 177 -10.51 6.55 -7.00
C VAL B 177 -9.73 5.25 -6.89
N ASP B 178 -9.68 4.68 -5.69
CA ASP B 178 -9.03 3.39 -5.46
C ASP B 178 -9.36 2.97 -4.03
N VAL B 179 -9.18 1.69 -3.71
CA VAL B 179 -9.51 1.19 -2.37
C VAL B 179 -9.07 1.98 -1.14
N ARG B 180 -8.08 2.85 -1.29
CA ARG B 180 -7.68 3.67 -0.15
C ARG B 180 -8.87 4.43 0.39
N SER B 181 -9.74 4.88 -0.51
CA SER B 181 -10.91 5.65 -0.08
C SER B 181 -11.90 4.81 0.71
N ALA B 182 -12.14 3.57 0.26
CA ALA B 182 -13.06 2.69 0.97
C ALA B 182 -12.62 2.59 2.43
N TYR B 183 -11.35 2.23 2.62
CA TYR B 183 -10.77 2.11 3.95
C TYR B 183 -10.83 3.38 4.77
N CYS B 184 -10.38 4.49 4.19
CA CYS B 184 -10.41 5.76 4.90
C CYS B 184 -11.84 6.08 5.31
N ALA B 185 -12.78 5.89 4.39
CA ALA B 185 -14.18 6.15 4.70
C ALA B 185 -14.66 5.23 5.82
N ALA B 186 -14.58 3.92 5.61
CA ALA B 186 -15.02 2.95 6.62
C ALA B 186 -14.30 3.11 7.95
N SER B 187 -13.07 3.63 7.93
CA SER B 187 -12.29 3.82 9.14
C SER B 187 -12.79 4.96 10.00
N VAL B 188 -13.16 6.07 9.35
CA VAL B 188 -13.66 7.23 10.06
C VAL B 188 -15.15 7.13 10.40
N ALA B 189 -15.95 6.69 9.43
CA ALA B 189 -17.38 6.56 9.64
C ALA B 189 -17.67 5.64 10.82
N SER B 190 -16.96 4.51 10.87
CA SER B 190 -17.16 3.56 11.96
C SER B 190 -16.73 4.10 13.32
N LEU B 191 -15.49 4.58 13.46
CA LEU B 191 -15.05 5.12 14.75
C LEU B 191 -16.00 6.22 15.24
N THR B 192 -16.26 7.22 14.41
CA THR B 192 -17.14 8.31 14.79
C THR B 192 -18.61 7.90 14.80
N ASN B 193 -18.89 6.65 14.46
CA ASN B 193 -20.27 6.15 14.43
C ASN B 193 -21.22 7.05 13.64
N ILE B 194 -21.03 7.10 12.33
CA ILE B 194 -21.89 7.91 11.45
C ILE B 194 -22.35 7.06 10.27
N ILE B 195 -22.11 5.76 10.36
CA ILE B 195 -22.48 4.83 9.30
C ILE B 195 -23.99 4.66 9.12
N THR B 196 -24.53 5.33 8.11
CA THR B 196 -25.95 5.23 7.80
C THR B 196 -26.16 3.86 7.18
N PRO B 197 -27.40 3.54 6.77
CA PRO B 197 -27.67 2.25 6.16
C PRO B 197 -27.21 2.13 4.70
N ASP B 198 -27.13 3.27 3.99
CA ASP B 198 -26.73 3.28 2.57
C ASP B 198 -25.39 3.94 2.26
N LEU B 199 -24.63 4.33 3.29
CA LEU B 199 -23.34 4.98 3.08
C LEU B 199 -22.41 4.08 2.28
N PHE B 200 -22.20 2.85 2.76
CA PHE B 200 -21.32 1.92 2.08
C PHE B 200 -22.09 0.88 1.28
N GLU B 201 -23.22 1.27 0.71
CA GLU B 201 -24.00 0.31 -0.05
C GLU B 201 -23.32 0.06 -1.39
N GLY B 202 -22.95 -1.21 -1.61
CA GLY B 202 -22.29 -1.57 -2.86
C GLY B 202 -20.78 -1.47 -2.80
N THR B 203 -20.24 -1.00 -1.68
CA THR B 203 -18.79 -0.86 -1.56
C THR B 203 -18.10 -2.22 -1.39
N ALA B 204 -18.71 -3.09 -0.58
CA ALA B 204 -18.13 -4.41 -0.35
C ALA B 204 -17.98 -5.11 -1.69
N GLU B 205 -18.97 -4.94 -2.56
CA GLU B 205 -18.90 -5.56 -3.87
C GLU B 205 -17.82 -4.94 -4.74
N TRP B 206 -17.70 -3.63 -4.71
CA TRP B 206 -16.69 -2.96 -5.52
C TRP B 206 -15.32 -3.43 -5.03
N ILE B 207 -15.10 -3.35 -3.72
CA ILE B 207 -13.83 -3.78 -3.13
C ILE B 207 -13.48 -5.17 -3.64
N ALA B 208 -14.47 -6.06 -3.58
CA ALA B 208 -14.29 -7.44 -4.01
C ALA B 208 -13.80 -7.53 -5.46
N ARG B 209 -14.20 -6.62 -6.34
CA ARG B 209 -13.73 -6.75 -7.71
C ARG B 209 -12.28 -6.34 -7.86
N CYS B 210 -11.65 -5.93 -6.76
CA CYS B 210 -10.26 -5.54 -6.80
C CYS B 210 -9.35 -6.76 -6.59
N GLN B 211 -9.91 -7.83 -6.03
CA GLN B 211 -9.13 -9.05 -5.81
C GLN B 211 -8.99 -9.69 -7.19
N ASN B 212 -7.75 -10.02 -7.60
CA ASN B 212 -7.52 -10.58 -8.92
C ASN B 212 -7.03 -12.03 -8.94
N TRP B 213 -6.46 -12.44 -10.06
CA TRP B 213 -5.96 -13.80 -10.23
C TRP B 213 -4.82 -14.17 -9.27
N GLU B 214 -4.22 -13.17 -8.64
CA GLU B 214 -3.11 -13.38 -7.70
C GLU B 214 -3.59 -13.76 -6.31
N GLY B 215 -4.82 -13.40 -5.99
CA GLY B 215 -5.35 -13.70 -4.67
C GLY B 215 -5.38 -12.43 -3.86
N GLY B 216 -4.49 -11.51 -4.18
CA GLY B 216 -4.45 -10.24 -3.46
C GLY B 216 -5.41 -9.23 -4.06
N ILE B 217 -5.36 -8.01 -3.53
CA ILE B 217 -6.22 -6.93 -4.01
C ILE B 217 -5.43 -5.81 -4.69
N GLY B 218 -6.03 -5.21 -5.72
CA GLY B 218 -5.37 -4.14 -6.45
C GLY B 218 -6.00 -2.80 -6.12
N GLY B 219 -5.42 -1.72 -6.62
CA GLY B 219 -5.99 -0.41 -6.35
C GLY B 219 -7.40 -0.31 -6.89
N VAL B 220 -7.56 -0.78 -8.13
CA VAL B 220 -8.85 -0.79 -8.79
C VAL B 220 -8.98 -2.10 -9.56
N PRO B 221 -10.21 -2.50 -9.89
CA PRO B 221 -10.49 -3.72 -10.63
C PRO B 221 -9.52 -3.85 -11.79
N GLY B 222 -8.84 -4.99 -11.91
CA GLY B 222 -7.93 -5.17 -13.02
C GLY B 222 -6.47 -5.02 -12.71
N MET B 223 -6.14 -4.30 -11.64
CA MET B 223 -4.75 -4.10 -11.24
C MET B 223 -4.06 -5.14 -10.39
N GLU B 224 -2.74 -5.14 -10.52
CA GLU B 224 -1.86 -6.04 -9.81
C GLU B 224 -2.13 -5.98 -8.31
N ALA B 225 -2.06 -7.13 -7.65
CA ALA B 225 -2.29 -7.20 -6.22
C ALA B 225 -1.12 -6.49 -5.54
N HIS B 226 -1.43 -5.61 -4.59
CA HIS B 226 -0.39 -4.88 -3.90
C HIS B 226 -0.71 -4.79 -2.42
N GLY B 227 0.31 -4.97 -1.59
CA GLY B 227 0.11 -4.94 -0.16
C GLY B 227 -0.66 -3.75 0.39
N GLY B 228 -0.28 -2.54 -0.02
CA GLY B 228 -0.96 -1.36 0.47
C GLY B 228 -2.45 -1.41 0.22
N TYR B 229 -2.85 -1.72 -1.00
CA TYR B 229 -4.27 -1.79 -1.33
C TYR B 229 -4.92 -3.03 -0.76
N THR B 230 -4.17 -4.10 -0.59
CA THR B 230 -4.74 -5.30 -0.02
C THR B 230 -5.18 -5.06 1.41
N PHE B 231 -4.38 -4.28 2.15
CA PHE B 231 -4.75 -3.94 3.51
C PHE B 231 -6.04 -3.14 3.45
N CYS B 232 -5.99 -2.00 2.77
CA CYS B 232 -7.18 -1.16 2.66
C CYS B 232 -8.40 -1.96 2.28
N GLY B 233 -8.22 -2.95 1.41
CA GLY B 233 -9.34 -3.77 0.98
C GLY B 233 -9.92 -4.62 2.09
N LEU B 234 -9.12 -5.56 2.59
CA LEU B 234 -9.55 -6.44 3.66
C LEU B 234 -10.01 -5.67 4.90
N ALA B 235 -9.18 -4.74 5.35
CA ALA B 235 -9.53 -3.95 6.53
C ALA B 235 -10.90 -3.30 6.35
N ALA B 236 -11.13 -2.72 5.18
CA ALA B 236 -12.41 -2.08 4.89
C ALA B 236 -13.55 -3.06 5.07
N LEU B 237 -13.40 -4.26 4.50
CA LEU B 237 -14.44 -5.27 4.65
C LEU B 237 -14.65 -5.67 6.10
N VAL B 238 -13.56 -5.97 6.81
CA VAL B 238 -13.67 -6.36 8.21
C VAL B 238 -14.54 -5.35 8.94
N ILE B 239 -14.40 -4.08 8.58
CA ILE B 239 -15.20 -3.04 9.19
C ILE B 239 -16.65 -3.19 8.71
N LEU B 240 -16.83 -3.48 7.43
CA LEU B 240 -18.16 -3.66 6.88
C LEU B 240 -18.74 -5.03 7.18
N LYS B 241 -17.98 -5.86 7.87
CA LYS B 241 -18.45 -7.19 8.23
C LYS B 241 -18.73 -7.99 6.94
N LYS B 242 -17.77 -7.98 6.02
CA LYS B 242 -17.91 -8.70 4.75
C LYS B 242 -16.63 -9.38 4.26
N GLU B 243 -15.76 -9.83 5.17
CA GLU B 243 -14.51 -10.48 4.77
C GLU B 243 -14.84 -11.51 3.70
N ARG B 244 -15.96 -12.19 3.91
CA ARG B 244 -16.40 -13.24 3.01
C ARG B 244 -16.76 -12.84 1.57
N SER B 245 -16.69 -11.55 1.25
CA SER B 245 -16.97 -11.17 -0.12
C SER B 245 -15.72 -11.50 -0.94
N LEU B 246 -14.65 -11.84 -0.22
CA LEU B 246 -13.36 -12.19 -0.80
C LEU B 246 -13.07 -13.68 -0.68
N ASN B 247 -12.15 -14.14 -1.52
CA ASN B 247 -11.72 -15.53 -1.50
C ASN B 247 -10.57 -15.56 -0.49
N LEU B 248 -10.91 -15.57 0.78
CA LEU B 248 -9.91 -15.56 1.83
C LEU B 248 -8.76 -16.55 1.66
N LYS B 249 -9.00 -17.72 1.08
CA LYS B 249 -7.90 -18.65 0.90
C LYS B 249 -6.85 -18.25 -0.10
N SER B 250 -7.24 -17.73 -1.26
CA SER B 250 -6.26 -17.29 -2.24
C SER B 250 -5.51 -16.08 -1.66
N LEU B 251 -6.25 -15.24 -0.93
CA LEU B 251 -5.66 -14.07 -0.32
C LEU B 251 -4.57 -14.47 0.66
N LEU B 252 -4.87 -15.43 1.54
CA LEU B 252 -3.91 -15.91 2.53
C LEU B 252 -2.68 -16.44 1.82
N GLN B 253 -2.90 -17.25 0.79
CA GLN B 253 -1.80 -17.82 0.05
C GLN B 253 -0.99 -16.74 -0.63
N TRP B 254 -1.63 -15.61 -0.89
CA TRP B 254 -0.96 -14.50 -1.54
C TRP B 254 -0.10 -13.70 -0.58
N VAL B 255 -0.71 -13.22 0.50
CA VAL B 255 0.01 -12.42 1.48
C VAL B 255 1.20 -13.18 2.04
N THR B 256 1.00 -14.45 2.38
CA THR B 256 2.07 -15.25 2.93
C THR B 256 3.26 -15.33 1.97
N SER B 257 2.99 -15.38 0.68
CA SER B 257 4.08 -15.48 -0.31
C SER B 257 4.83 -14.15 -0.38
N ARG B 258 4.21 -13.09 0.10
CA ARG B 258 4.79 -11.76 0.09
C ARG B 258 5.99 -11.55 1.02
N GLN B 259 6.16 -12.45 1.99
CA GLN B 259 7.28 -12.31 2.91
C GLN B 259 8.52 -12.91 2.24
N MET B 260 9.63 -12.18 2.32
CA MET B 260 10.88 -12.58 1.69
C MET B 260 11.62 -13.62 2.53
N ARG B 261 11.78 -14.78 1.90
CA ARG B 261 12.39 -15.97 2.48
C ARG B 261 13.82 -15.73 2.94
N PHE B 262 14.45 -14.68 2.40
CA PHE B 262 15.79 -14.33 2.82
C PHE B 262 15.85 -13.07 3.68
N GLU B 263 15.40 -11.94 3.15
CA GLU B 263 15.46 -10.72 3.93
C GLU B 263 14.68 -10.90 5.24
N GLY B 264 13.49 -11.48 5.15
CA GLY B 264 12.68 -11.68 6.34
C GLY B 264 11.46 -10.77 6.35
N GLY B 265 11.59 -9.62 5.70
CA GLY B 265 10.48 -8.68 5.64
C GLY B 265 9.62 -8.93 4.41
N PHE B 266 8.62 -8.09 4.19
CA PHE B 266 7.73 -8.23 3.04
C PHE B 266 7.95 -7.30 1.87
N GLN B 267 7.39 -7.72 0.73
CA GLN B 267 7.41 -6.97 -0.52
C GLN B 267 5.96 -6.56 -0.76
N GLY B 268 5.74 -5.42 -1.41
CA GLY B 268 4.39 -4.96 -1.66
C GLY B 268 3.71 -5.76 -2.75
N ARG B 269 4.51 -6.49 -3.52
CA ARG B 269 4.01 -7.29 -4.63
C ARG B 269 5.03 -8.26 -5.22
N CYS B 270 4.54 -9.37 -5.76
CA CYS B 270 5.39 -10.41 -6.32
C CYS B 270 6.52 -9.88 -7.21
N ASN B 271 7.73 -10.36 -6.97
CA ASN B 271 8.93 -9.93 -7.70
C ASN B 271 9.18 -8.44 -7.58
N LYS B 272 9.04 -7.92 -6.37
CA LYS B 272 9.25 -6.50 -6.19
C LYS B 272 10.21 -6.57 -4.98
N LEU B 273 10.77 -5.44 -4.54
CA LEU B 273 11.72 -5.49 -3.43
C LEU B 273 11.12 -5.43 -2.04
N VAL B 274 11.95 -5.74 -1.05
CA VAL B 274 11.54 -5.71 0.35
C VAL B 274 11.29 -4.27 0.74
N ASP B 275 10.61 -4.05 1.87
CA ASP B 275 10.35 -2.69 2.29
C ASP B 275 9.71 -2.63 3.69
N GLY B 276 10.35 -1.90 4.57
CA GLY B 276 9.89 -1.77 5.94
C GLY B 276 8.45 -1.42 6.21
N CYS B 277 7.85 -0.51 5.45
CA CYS B 277 6.47 -0.13 5.71
C CYS B 277 5.53 -1.30 5.52
N TYR B 278 5.89 -2.22 4.63
CA TYR B 278 5.06 -3.39 4.39
C TYR B 278 5.02 -4.36 5.56
N SER B 279 5.79 -4.08 6.59
CA SER B 279 5.78 -4.94 7.77
C SER B 279 4.40 -4.78 8.39
N PHE B 280 3.72 -3.68 8.05
CA PHE B 280 2.37 -3.46 8.55
C PHE B 280 1.29 -3.65 7.50
N TRP B 281 1.55 -3.22 6.26
CA TRP B 281 0.55 -3.36 5.23
C TRP B 281 0.34 -4.84 4.87
N GLN B 282 1.44 -5.57 4.66
CA GLN B 282 1.38 -6.99 4.36
C GLN B 282 1.13 -7.82 5.63
N ALA B 283 2.09 -7.81 6.54
CA ALA B 283 1.98 -8.57 7.77
C ALA B 283 0.69 -8.28 8.54
N GLY B 284 0.17 -7.06 8.39
CA GLY B 284 -1.05 -6.69 9.10
C GLY B 284 -2.27 -7.51 8.68
N LEU B 285 -2.25 -8.02 7.46
CA LEU B 285 -3.37 -8.80 6.95
C LEU B 285 -3.58 -10.09 7.76
N LEU B 286 -2.49 -10.62 8.33
CA LEU B 286 -2.60 -11.86 9.09
C LEU B 286 -3.50 -11.74 10.30
N PRO B 287 -3.32 -10.70 11.13
CA PRO B 287 -4.20 -10.56 12.28
C PRO B 287 -5.64 -10.49 11.80
N LEU B 288 -5.84 -9.87 10.64
CA LEU B 288 -7.18 -9.71 10.06
C LEU B 288 -7.78 -11.00 9.54
N LEU B 289 -6.98 -11.80 8.83
CA LEU B 289 -7.44 -13.07 8.30
C LEU B 289 -7.61 -14.10 9.40
N HIS B 290 -6.98 -13.85 10.54
CA HIS B 290 -7.09 -14.82 11.61
C HIS B 290 -8.53 -14.65 12.10
N ARG B 291 -8.97 -13.41 12.27
CA ARG B 291 -10.36 -13.16 12.68
C ARG B 291 -11.36 -13.76 11.70
N ALA B 292 -11.29 -13.32 10.44
CA ALA B 292 -12.18 -13.80 9.41
C ALA B 292 -12.31 -15.32 9.42
N LEU B 293 -11.19 -16.01 9.23
CA LEU B 293 -11.21 -17.47 9.24
C LEU B 293 -11.83 -18.00 10.53
N HIS B 294 -11.27 -17.59 11.66
CA HIS B 294 -11.77 -18.04 12.94
C HIS B 294 -13.26 -17.82 13.16
N ALA B 295 -13.81 -16.72 12.64
CA ALA B 295 -15.24 -16.45 12.81
C ALA B 295 -16.03 -17.49 12.04
N GLN B 296 -15.33 -18.31 11.27
CA GLN B 296 -15.93 -19.37 10.48
C GLN B 296 -15.57 -20.69 11.13
N GLY B 297 -15.21 -20.61 12.41
CA GLY B 297 -14.83 -21.79 13.16
C GLY B 297 -13.78 -22.64 12.47
N ASP B 298 -12.80 -21.98 11.85
CA ASP B 298 -11.75 -22.72 11.17
C ASP B 298 -10.97 -23.43 12.28
N PRO B 299 -10.93 -24.77 12.23
CA PRO B 299 -10.26 -25.63 13.18
C PRO B 299 -8.75 -25.76 13.06
N ALA B 300 -8.17 -25.36 11.93
CA ALA B 300 -6.73 -25.49 11.76
C ALA B 300 -5.92 -24.28 12.25
N LEU B 301 -6.59 -23.19 12.57
CA LEU B 301 -5.88 -21.99 13.04
C LEU B 301 -5.06 -22.27 14.30
N SER B 302 -3.98 -21.50 14.47
CA SER B 302 -3.05 -21.62 15.59
C SER B 302 -3.43 -20.89 16.86
N MET B 303 -3.09 -21.51 18.00
CA MET B 303 -3.35 -20.94 19.33
C MET B 303 -2.24 -20.01 19.82
N SER B 304 -1.35 -19.58 18.95
CA SER B 304 -0.26 -18.72 19.41
C SER B 304 0.45 -17.78 18.43
N HIS B 305 0.48 -18.15 17.15
CA HIS B 305 1.18 -17.33 16.16
C HIS B 305 0.36 -16.92 14.96
N TRP B 306 0.77 -15.83 14.33
CA TRP B 306 0.11 -15.34 13.13
C TRP B 306 0.68 -16.21 12.02
N MET B 307 0.04 -16.23 10.86
CA MET B 307 0.55 -17.07 9.79
C MET B 307 1.67 -16.54 8.91
N PHE B 308 2.78 -16.17 9.55
CA PHE B 308 3.99 -15.70 8.86
C PHE B 308 5.09 -15.90 9.90
N HIS B 309 6.34 -15.91 9.47
CA HIS B 309 7.43 -16.12 10.42
C HIS B 309 7.73 -14.87 11.25
N GLN B 310 6.91 -14.61 12.25
CA GLN B 310 7.05 -13.45 13.15
C GLN B 310 8.47 -13.10 13.57
N GLN B 311 9.30 -14.12 13.79
CA GLN B 311 10.67 -13.88 14.19
C GLN B 311 11.46 -13.19 13.10
N ALA B 312 11.45 -13.79 11.91
CA ALA B 312 12.17 -13.26 10.75
C ALA B 312 11.80 -11.80 10.50
N LEU B 313 10.53 -11.46 10.69
CA LEU B 313 10.09 -10.10 10.49
C LEU B 313 10.72 -9.17 11.52
N GLN B 314 10.81 -9.62 12.76
CA GLN B 314 11.41 -8.79 13.80
C GLN B 314 12.90 -8.63 13.60
N GLU B 315 13.55 -9.66 13.07
CA GLU B 315 14.98 -9.55 12.85
C GLU B 315 15.25 -8.59 11.70
N TYR B 316 14.44 -8.69 10.64
CA TYR B 316 14.59 -7.78 9.50
C TYR B 316 14.47 -6.35 9.98
N ILE B 317 13.40 -6.08 10.72
CA ILE B 317 13.17 -4.74 11.24
C ILE B 317 14.31 -4.25 12.13
N LEU B 318 14.55 -4.98 13.22
CA LEU B 318 15.60 -4.60 14.16
C LEU B 318 16.99 -4.46 13.54
N MET B 319 17.45 -5.46 12.81
CA MET B 319 18.78 -5.37 12.23
C MET B 319 18.91 -4.55 10.95
N CYS B 320 17.88 -4.56 10.11
CA CYS B 320 17.95 -3.86 8.83
C CYS B 320 17.18 -2.56 8.64
N CYS B 321 16.09 -2.37 9.37
CA CYS B 321 15.28 -1.17 9.18
C CYS B 321 15.33 -0.16 10.31
N GLN B 322 16.51 0.15 10.81
CA GLN B 322 16.59 1.11 11.91
C GLN B 322 17.84 1.98 11.85
N CYS B 323 17.62 3.30 11.80
CA CYS B 323 18.72 4.25 11.69
C CYS B 323 19.35 4.65 13.03
N PRO B 324 20.69 4.57 13.11
CA PRO B 324 21.45 4.91 14.31
C PRO B 324 20.97 6.22 14.93
N ALA B 325 20.92 7.27 14.12
CA ALA B 325 20.47 8.57 14.59
C ALA B 325 19.03 8.53 15.12
N GLY B 326 18.25 7.56 14.64
CA GLY B 326 16.87 7.45 15.07
C GLY B 326 15.92 7.29 13.90
N GLY B 327 14.71 6.81 14.19
CA GLY B 327 13.73 6.60 13.13
C GLY B 327 14.01 5.33 12.36
N LEU B 328 12.96 4.69 11.86
CA LEU B 328 13.14 3.47 11.10
C LEU B 328 13.17 3.79 9.61
N LEU B 329 13.27 2.77 8.77
CA LEU B 329 13.36 3.01 7.33
C LEU B 329 13.04 1.84 6.41
N ASP B 330 12.96 2.15 5.12
CA ASP B 330 12.67 1.18 4.06
C ASP B 330 13.56 -0.06 4.21
N LYS B 331 14.81 0.06 3.76
CA LYS B 331 15.79 -1.02 3.86
C LYS B 331 17.13 -0.31 4.09
N PRO B 332 18.22 -1.07 4.29
CA PRO B 332 19.47 -0.37 4.52
C PRO B 332 19.94 0.45 3.31
N GLY B 333 20.46 1.63 3.59
CA GLY B 333 20.92 2.51 2.53
C GLY B 333 19.91 3.62 2.28
N LYS B 334 18.65 3.33 2.57
CA LYS B 334 17.60 4.31 2.37
C LYS B 334 17.58 5.28 3.57
N SER B 335 16.92 6.42 3.42
CA SER B 335 16.84 7.41 4.50
C SER B 335 15.69 7.17 5.47
N ARG B 336 15.73 7.85 6.62
CA ARG B 336 14.68 7.68 7.62
C ARG B 336 13.58 8.70 7.36
N ASP B 337 12.38 8.38 7.81
CA ASP B 337 11.23 9.26 7.65
C ASP B 337 10.14 8.76 8.60
N PHE B 338 9.25 9.67 8.98
CA PHE B 338 8.18 9.33 9.91
C PHE B 338 7.24 8.25 9.42
N TYR B 339 7.14 8.11 8.10
CA TYR B 339 6.30 7.06 7.50
C TYR B 339 6.82 5.68 7.92
N HIS B 340 8.07 5.38 7.57
CA HIS B 340 8.62 4.09 7.92
C HIS B 340 8.76 3.93 9.42
N THR B 341 9.00 5.01 10.14
CA THR B 341 9.12 4.92 11.58
C THR B 341 7.77 4.46 12.11
N CYS B 342 6.71 5.07 11.59
CA CYS B 342 5.36 4.71 11.98
C CYS B 342 4.97 3.30 11.63
N TYR B 343 5.39 2.82 10.46
CA TYR B 343 5.03 1.48 10.07
C TYR B 343 6.02 0.37 10.40
N CYS B 344 7.31 0.65 10.53
CA CYS B 344 8.20 -0.45 10.92
C CYS B 344 7.88 -0.80 12.37
N LEU B 345 7.47 0.19 13.15
CA LEU B 345 7.12 -0.06 14.55
C LEU B 345 5.81 -0.82 14.61
N SER B 346 4.78 -0.26 13.98
CA SER B 346 3.48 -0.91 13.97
C SER B 346 3.66 -2.36 13.53
N GLY B 347 4.44 -2.57 12.49
CA GLY B 347 4.72 -3.91 12.03
C GLY B 347 5.35 -4.72 13.14
N LEU B 348 6.46 -4.21 13.69
CA LEU B 348 7.17 -4.89 14.78
C LEU B 348 6.19 -5.39 15.84
N SER B 349 5.31 -4.48 16.27
CA SER B 349 4.31 -4.77 17.30
C SER B 349 3.46 -5.97 16.92
N ILE B 350 2.91 -5.94 15.71
CA ILE B 350 2.08 -7.05 15.24
C ILE B 350 2.80 -8.39 15.29
N ALA B 351 4.06 -8.41 14.88
CA ALA B 351 4.84 -9.64 14.86
C ALA B 351 5.22 -10.14 16.26
N GLN B 352 5.13 -9.28 17.26
CA GLN B 352 5.48 -9.66 18.63
C GLN B 352 4.25 -9.83 19.52
N HIS B 353 3.06 -9.48 19.02
CA HIS B 353 1.82 -9.65 19.78
C HIS B 353 0.79 -10.51 19.08
N PHE B 354 0.38 -11.58 19.74
CA PHE B 354 -0.62 -12.47 19.20
C PHE B 354 -1.88 -12.47 20.06
N GLY B 355 -3.03 -12.51 19.39
CA GLY B 355 -4.31 -12.53 20.08
C GLY B 355 -5.22 -13.53 19.40
N SER B 356 -6.36 -13.83 20.00
CA SER B 356 -7.34 -14.78 19.46
C SER B 356 -8.19 -15.28 20.62
N GLY B 357 -9.02 -14.38 21.16
CA GLY B 357 -9.87 -14.73 22.27
C GLY B 357 -9.04 -14.83 23.54
N ALA B 358 -9.10 -15.99 24.20
CA ALA B 358 -8.35 -16.21 25.43
C ALA B 358 -6.85 -16.23 25.17
N MET B 359 -6.45 -16.48 23.93
CA MET B 359 -5.05 -16.55 23.55
C MET B 359 -4.26 -15.24 23.49
N LEU B 360 -3.12 -15.24 24.18
CA LEU B 360 -2.19 -14.13 24.21
C LEU B 360 -0.78 -14.73 24.26
N HIS B 361 -0.02 -14.55 23.19
CA HIS B 361 1.35 -15.06 23.11
C HIS B 361 2.22 -14.04 22.39
N ASP B 362 3.11 -13.39 23.14
CA ASP B 362 4.01 -12.40 22.58
C ASP B 362 5.34 -13.05 22.26
N VAL B 363 6.03 -12.51 21.25
CA VAL B 363 7.34 -13.00 20.85
C VAL B 363 8.21 -11.77 20.67
N VAL B 364 9.11 -11.53 21.62
CA VAL B 364 9.99 -10.38 21.56
C VAL B 364 11.41 -10.80 21.24
N MET B 365 11.95 -10.31 20.12
CA MET B 365 13.31 -10.62 19.74
C MET B 365 14.30 -9.66 20.36
N GLY B 366 15.42 -10.21 20.81
CA GLY B 366 16.44 -9.40 21.44
C GLY B 366 16.07 -9.07 22.87
N VAL B 367 16.65 -8.00 23.38
CA VAL B 367 16.41 -7.54 24.74
C VAL B 367 14.90 -7.36 24.97
N PRO B 368 14.37 -7.90 26.08
CA PRO B 368 12.94 -7.75 26.33
C PRO B 368 12.39 -6.32 26.35
N GLU B 369 13.27 -5.32 26.41
CA GLU B 369 12.80 -3.96 26.37
C GLU B 369 12.37 -3.58 24.93
N ASN B 370 12.42 -4.54 24.02
CA ASN B 370 12.03 -4.31 22.63
C ASN B 370 10.51 -4.49 22.43
N VAL B 371 9.77 -4.55 23.53
CA VAL B 371 8.33 -4.74 23.46
C VAL B 371 7.58 -3.42 23.32
N LEU B 372 6.73 -3.34 22.31
CA LEU B 372 5.95 -2.13 22.03
C LEU B 372 4.50 -2.34 22.44
N GLN B 373 3.77 -1.26 22.66
CA GLN B 373 2.36 -1.38 22.99
C GLN B 373 1.70 -2.06 21.80
N PRO B 374 0.58 -2.74 22.04
CA PRO B 374 -0.11 -3.41 20.96
C PRO B 374 -0.89 -2.42 20.07
N THR B 375 -1.10 -2.80 18.80
CA THR B 375 -1.83 -1.95 17.88
C THR B 375 -3.00 -2.74 17.29
N HIS B 376 -4.13 -2.07 17.11
CA HIS B 376 -5.30 -2.70 16.56
C HIS B 376 -5.03 -2.87 15.06
N PRO B 377 -5.02 -4.11 14.56
CA PRO B 377 -4.76 -4.41 13.15
C PRO B 377 -5.73 -3.89 12.08
N VAL B 378 -6.69 -3.06 12.46
CA VAL B 378 -7.62 -2.56 11.46
C VAL B 378 -7.43 -1.07 11.31
N TYR B 379 -7.42 -0.37 12.44
CA TYR B 379 -7.27 1.08 12.47
C TYR B 379 -5.80 1.44 12.71
N ASN B 380 -5.04 0.44 13.16
CA ASN B 380 -3.64 0.59 13.47
C ASN B 380 -3.36 1.66 14.51
N ILE B 381 -4.19 1.69 15.54
CA ILE B 381 -4.05 2.60 16.66
C ILE B 381 -4.18 1.68 17.87
N GLY B 382 -4.18 2.23 19.08
CA GLY B 382 -4.29 1.40 20.26
C GLY B 382 -5.62 0.69 20.40
N PRO B 383 -5.62 -0.61 20.73
CA PRO B 383 -6.86 -1.36 20.90
C PRO B 383 -7.78 -0.53 21.79
N ASP B 384 -7.20 -0.04 22.87
CA ASP B 384 -7.88 0.78 23.86
C ASP B 384 -8.36 2.11 23.30
N LYS B 385 -7.57 2.70 22.40
CA LYS B 385 -7.93 3.96 21.78
C LYS B 385 -9.17 3.70 20.94
N VAL B 386 -9.14 2.60 20.19
CA VAL B 386 -10.25 2.22 19.33
C VAL B 386 -11.50 2.07 20.18
N ILE B 387 -11.41 1.17 21.16
CA ILE B 387 -12.50 0.87 22.09
C ILE B 387 -13.07 2.12 22.74
N GLN B 388 -12.19 2.95 23.29
CA GLN B 388 -12.58 4.19 23.95
C GLN B 388 -13.32 5.15 23.04
N ALA B 389 -12.77 5.36 21.84
CA ALA B 389 -13.36 6.24 20.84
C ALA B 389 -14.71 5.73 20.41
N THR B 390 -14.76 4.45 20.05
CA THR B 390 -16.03 3.86 19.62
C THR B 390 -17.09 4.04 20.68
N THR B 391 -16.90 3.47 21.87
CA THR B 391 -17.92 3.61 22.90
C THR B 391 -18.33 5.07 23.13
N HIS B 392 -17.37 5.98 23.09
CA HIS B 392 -17.66 7.38 23.32
C HIS B 392 -18.60 7.95 22.25
N PHE B 393 -18.32 7.70 20.97
CA PHE B 393 -19.19 8.20 19.91
C PHE B 393 -20.54 7.54 19.77
N LEU B 394 -20.67 6.33 20.32
CA LEU B 394 -21.98 5.70 20.29
C LEU B 394 -22.92 6.33 21.31
N GLN B 395 -22.41 7.22 22.16
CA GLN B 395 -23.27 7.91 23.14
C GLN B 395 -24.08 8.85 22.27
N LYS B 396 -23.49 9.19 21.13
CA LYS B 396 -24.11 10.09 20.17
C LYS B 396 -24.81 9.23 19.12
N PRO B 397 -25.84 9.80 18.47
CA PRO B 397 -26.61 9.10 17.43
C PRO B 397 -26.11 9.45 16.03
N VAL B 398 -26.15 8.47 15.13
CA VAL B 398 -25.74 8.67 13.74
C VAL B 398 -26.57 9.80 13.14
N PRO B 399 -25.93 10.73 12.41
CA PRO B 399 -26.63 11.85 11.79
C PRO B 399 -27.95 11.39 11.18
N GLY B 400 -28.98 11.35 12.02
CA GLY B 400 -30.29 10.91 11.60
C GLY B 400 -30.89 11.85 10.57
N PHE B 401 -31.87 11.34 9.83
CA PHE B 401 -32.52 12.13 8.80
C PHE B 401 -34.02 12.16 9.03
ZN ZN C . 8.08 1.96 1.96
C1 FPP D . 3.50 1.44 -5.49
O1 FPP D . 4.69 2.17 -5.02
C2 FPP D . 2.42 1.48 -4.44
C3 FPP D . 1.39 2.34 -4.48
C4 FPP D . 0.74 2.71 -5.80
C5 FPP D . 0.86 2.99 -3.22
C6 FPP D . 0.44 1.91 -2.21
C7 FPP D . -0.41 2.54 -1.12
C8 FPP D . -0.36 2.13 0.15
C10 FPP D . 0.97 1.73 0.77
C9 FPP D . -1.59 2.05 1.00
C11 FPP D . -1.71 3.27 1.89
C12 FPP D . -2.92 3.13 2.76
C13 FPP D . -3.69 4.18 3.08
C14 FPP D . -4.72 4.05 4.19
C15 FPP D . -3.55 5.49 2.36
PA FPP D . 6.10 1.61 -5.38
O1A FPP D . 7.14 2.69 -5.48
O2A FPP D . 5.91 0.86 -6.73
O3A FPP D . 6.49 0.50 -4.34
PB FPP D . 6.58 -1.06 -4.45
O1B FPP D . 6.88 -1.70 -3.12
O2B FPP D . 5.21 -1.49 -5.04
O3B FPP D . 7.70 -1.32 -5.49
C1 736 E . 0.24 8.19 3.16
N2 736 E . 1.17 8.64 2.29
C3 736 E . 1.96 7.80 1.56
C4 736 E . 1.82 6.39 1.69
C5 736 E . 0.84 5.90 2.58
C6 736 E . 0.03 6.80 3.34
C9 736 E . 2.95 8.43 0.63
C10 736 E . 2.81 8.03 -0.82
C11 736 E . 2.91 6.66 -1.27
C12 736 E . 3.21 5.53 -0.32
C13 736 E . 2.68 5.41 0.94
C18 736 E . 2.58 9.07 -1.77
C19 736 E . 2.46 8.76 -3.16
C20 736 E . 2.55 7.41 -3.60
C21 736 E . 2.77 6.37 -2.66
C24 736 E . 4.41 8.23 1.17
C25 736 E . 5.46 8.85 0.23
C26 736 E . 6.84 8.86 0.82
N27 736 E . 6.81 9.54 2.12
C28 736 E . 5.98 8.79 3.08
C29 736 E . 4.56 8.78 2.59
CL40 736 E . 2.46 7.04 -5.29
S1 736 E . 8.19 10.43 2.67
N1 736 E . 4.13 4.49 -0.82
C2 736 E . 5.50 4.98 -1.02
C7 736 E . 4.17 3.24 -0.04
C8 736 E . 6.28 3.95 -1.82
C14 736 E . 4.94 2.20 -0.82
N3 736 E . 6.31 2.68 -1.09
O1 736 E . 7.84 10.86 3.99
C15 736 E . 8.39 11.86 1.62
O2 736 E . 9.29 9.54 2.49
#